data_4I1Y
#
_entry.id   4I1Y
#
_cell.length_a   58.965
_cell.length_b   77.900
_cell.length_c   87.101
_cell.angle_alpha   114.210
_cell.angle_beta   104.860
_cell.angle_gamma   94.370
#
_symmetry.space_group_name_H-M   'P 1'
#
loop_
_entity.id
_entity.type
_entity.pdbx_description
1 polymer 'Cysteine synthase'
2 non-polymer 'CHLORIDE ION'
3 non-polymer 'SULFATE ION'
4 water water
#
_entity_poly.entity_id   1
_entity_poly.type   'polypeptide(L)'
_entity_poly.pdbx_seq_one_letter_code
;GPGSMTIAENIAQLIGGTPLVRLRRVTDGAAADVVAKLESFNPAGSIKDRIGVAMIDAAEKAGLIKPDTIILEPTSGNTG
IALAMVSAARGYKCVLTMPDTMSIERRMLLRAYGAELVLTPGAEGMAGAIAKAEELAKTDDRYFIPQQFENPANPAVHAV
TTAEEVWRDTDGKVDIFVSGVGTGGTITGVAQVIKQRRPSAQFVAVEPAASPVLSGGQKGPHPIQGIGAGFVPPVLDLAL
VDEVITVGNDDALELARRMATEEGLLFGISSGAAVWAARELAHRPENAGKLIVVVLPDFGERYLSTVLFADLSE
;
_entity_poly.pdbx_strand_id   A,B,C,D
#
# COMPACT_ATOMS: atom_id res chain seq x y z
N MET A 5 31.98 -10.63 27.70
CA MET A 5 30.88 -10.71 26.68
C MET A 5 30.53 -9.33 26.13
N THR A 6 30.25 -9.28 24.82
CA THR A 6 29.72 -8.08 24.18
C THR A 6 28.27 -8.33 23.77
N ILE A 7 27.32 -8.00 24.66
CA ILE A 7 25.87 -8.16 24.37
C ILE A 7 24.96 -6.96 24.73
N ALA A 8 24.39 -6.37 23.68
CA ALA A 8 23.39 -5.30 23.77
C ALA A 8 22.09 -5.81 24.37
N GLU A 9 21.46 -5.00 25.21
CA GLU A 9 20.16 -5.35 25.80
C GLU A 9 19.07 -5.34 24.75
N ASN A 10 19.15 -4.41 23.82
CA ASN A 10 18.16 -4.28 22.76
C ASN A 10 18.75 -3.49 21.60
N ILE A 11 18.00 -3.47 20.50
CA ILE A 11 18.48 -2.86 19.26
C ILE A 11 18.74 -1.37 19.42
N ALA A 12 18.02 -0.70 20.31
CA ALA A 12 18.22 0.74 20.49
C ALA A 12 19.63 1.02 21.05
N GLN A 13 20.25 0.04 21.69
CA GLN A 13 21.65 0.19 22.13
C GLN A 13 22.69 -0.09 21.04
N LEU A 14 22.25 -0.47 19.85
CA LEU A 14 23.17 -0.69 18.73
C LEU A 14 23.07 0.41 17.69
N ILE A 15 22.58 1.57 18.11
CA ILE A 15 22.56 2.74 17.26
C ILE A 15 23.92 3.45 17.36
N GLY A 16 24.43 3.88 16.21
CA GLY A 16 25.72 4.58 16.17
C GLY A 16 26.89 3.63 15.97
N GLY A 17 28.09 4.14 16.22
CA GLY A 17 29.31 3.40 15.96
C GLY A 17 29.44 3.01 14.50
N THR A 18 28.99 3.89 13.61
CA THR A 18 28.98 3.61 12.17
C THR A 18 30.38 3.76 11.54
N PRO A 19 30.68 3.00 10.47
CA PRO A 19 32.01 2.97 9.87
C PRO A 19 32.27 4.00 8.77
N LEU A 20 33.54 4.36 8.62
CA LEU A 20 34.01 5.15 7.50
C LEU A 20 34.46 4.24 6.37
N VAL A 21 34.19 4.67 5.14
CA VAL A 21 34.68 4.00 3.94
C VAL A 21 35.29 5.02 2.98
N ARG A 22 36.36 4.63 2.30
CA ARG A 22 36.99 5.48 1.30
C ARG A 22 36.16 5.49 0.05
N LEU A 23 36.09 6.64 -0.61
CA LEU A 23 35.53 6.69 -1.95
C LEU A 23 36.70 6.81 -2.90
N ARG A 24 37.10 5.69 -3.48
CA ARG A 24 38.32 5.62 -4.27
C ARG A 24 38.07 5.93 -5.74
N ARG A 25 36.98 5.40 -6.28
CA ARG A 25 36.74 5.43 -7.73
C ARG A 25 36.00 6.67 -8.19
N VAL A 26 34.90 7.01 -7.53
CA VAL A 26 34.05 8.11 -8.01
C VAL A 26 34.68 9.50 -7.91
N THR A 27 35.84 9.62 -7.27
CA THR A 27 36.51 10.91 -7.11
C THR A 27 37.51 11.28 -8.22
N ASP A 28 37.72 10.40 -9.19
CA ASP A 28 38.42 10.76 -10.44
C ASP A 28 39.54 11.76 -10.26
N GLY A 29 40.55 11.41 -9.51
CA GLY A 29 41.61 12.37 -9.24
C GLY A 29 42.47 11.76 -8.18
N ALA A 30 42.60 12.38 -7.01
CA ALA A 30 42.16 13.74 -6.72
C ALA A 30 43.05 14.11 -5.55
N ALA A 31 43.55 15.34 -5.52
CA ALA A 31 44.60 15.70 -4.56
C ALA A 31 44.17 15.45 -3.10
N ALA A 32 42.87 15.50 -2.85
CA ALA A 32 42.31 15.28 -1.51
C ALA A 32 41.71 13.89 -1.40
N ASP A 33 41.65 13.38 -0.17
CA ASP A 33 40.98 12.12 0.11
C ASP A 33 39.56 12.39 0.52
N VAL A 34 38.64 11.57 0.03
CA VAL A 34 37.23 11.64 0.47
C VAL A 34 36.83 10.34 1.12
N VAL A 35 36.20 10.44 2.29
CA VAL A 35 35.63 9.28 2.93
C VAL A 35 34.19 9.55 3.31
N ALA A 36 33.41 8.49 3.40
CA ALA A 36 32.01 8.59 3.76
C ALA A 36 31.71 7.80 5.03
N LYS A 37 30.88 8.40 5.88
CA LYS A 37 30.44 7.79 7.12
C LYS A 37 29.09 7.16 6.85
N LEU A 38 29.03 5.84 6.98
CA LEU A 38 27.85 5.10 6.57
C LEU A 38 26.81 4.97 7.69
N GLU A 39 26.00 6.02 7.84
CA GLU A 39 24.85 6.00 8.75
C GLU A 39 23.79 4.96 8.38
N SER A 40 23.97 4.33 7.22
CA SER A 40 23.15 3.22 6.77
C SER A 40 23.34 1.95 7.59
N PHE A 41 24.46 1.83 8.29
CA PHE A 41 24.67 0.70 9.19
C PHE A 41 23.89 0.80 10.49
N ASN A 42 23.27 1.95 10.76
CA ASN A 42 22.31 2.04 11.85
C ASN A 42 21.18 1.05 11.62
N PRO A 43 20.56 0.58 12.71
CA PRO A 43 19.49 -0.40 12.62
C PRO A 43 18.38 -0.02 11.65
N ALA A 44 17.97 1.25 11.65
CA ALA A 44 16.90 1.72 10.74
C ALA A 44 17.42 2.52 9.54
N GLY A 45 18.74 2.51 9.32
CA GLY A 45 19.31 2.91 8.03
C GLY A 45 19.74 4.34 7.83
N SER A 46 19.60 5.18 8.87
CA SER A 46 19.98 6.58 8.76
C SER A 46 20.38 7.19 10.09
N ILE A 47 20.89 8.42 9.99
CA ILE A 47 21.23 9.24 11.14
C ILE A 47 20.02 9.56 12.03
N LYS A 48 18.82 9.43 11.48
CA LYS A 48 17.60 9.70 12.26
C LYS A 48 17.47 8.76 13.45
N ASP A 49 18.01 7.54 13.34
CA ASP A 49 18.08 6.62 14.47
C ASP A 49 18.66 7.30 15.71
N ARG A 50 19.72 8.08 15.52
CA ARG A 50 20.38 8.74 16.65
C ARG A 50 19.50 9.81 17.27
N ILE A 51 18.81 10.57 16.42
CA ILE A 51 17.90 11.62 16.86
C ILE A 51 16.76 11.00 17.68
N GLY A 52 16.22 9.89 17.20
CA GLY A 52 15.10 9.23 17.88
C GLY A 52 15.45 8.76 19.29
N VAL A 53 16.52 7.98 19.40
CA VAL A 53 16.92 7.40 20.67
C VAL A 53 17.34 8.51 21.64
N ALA A 54 18.00 9.54 21.12
CA ALA A 54 18.39 10.67 21.96
C ALA A 54 17.16 11.36 22.54
N MET A 55 16.11 11.57 21.73
CA MET A 55 14.87 12.20 22.20
C MET A 55 14.25 11.39 23.34
N ILE A 56 14.19 10.08 23.18
CA ILE A 56 13.61 9.22 24.21
C ILE A 56 14.45 9.21 25.49
N ASP A 57 15.77 9.15 25.36
CA ASP A 57 16.64 9.14 26.53
C ASP A 57 16.44 10.41 27.33
N ALA A 58 16.51 11.54 26.63
CA ALA A 58 16.42 12.83 27.30
C ALA A 58 15.09 12.94 28.07
N ALA A 59 14.01 12.55 27.40
CA ALA A 59 12.68 12.66 27.99
C ALA A 59 12.52 11.72 29.20
N GLU A 60 13.18 10.55 29.15
CA GLU A 60 13.23 9.66 30.31
C GLU A 60 14.01 10.31 31.43
N LYS A 61 15.27 10.67 31.16
CA LYS A 61 16.11 11.33 32.17
C LYS A 61 15.41 12.54 32.81
N ALA A 62 14.61 13.28 32.03
CA ALA A 62 13.85 14.44 32.53
C ALA A 62 12.51 14.07 33.17
N GLY A 63 12.19 12.78 33.21
CA GLY A 63 10.96 12.32 33.83
C GLY A 63 9.72 12.59 33.00
N LEU A 64 9.92 13.12 31.80
CA LEU A 64 8.79 13.46 30.94
C LEU A 64 8.13 12.26 30.31
N ILE A 65 8.86 11.16 30.24
CA ILE A 65 8.29 9.91 29.79
C ILE A 65 8.21 8.97 30.97
N LYS A 66 6.98 8.60 31.30
CA LYS A 66 6.71 7.64 32.36
C LYS A 66 6.54 6.28 31.69
N PRO A 67 6.45 5.20 32.47
CA PRO A 67 6.38 3.87 31.84
C PRO A 67 5.09 3.57 31.05
N ASP A 68 4.00 4.27 31.34
CA ASP A 68 2.74 4.10 30.59
C ASP A 68 2.57 5.17 29.50
N THR A 69 3.66 5.81 29.13
CA THR A 69 3.62 6.92 28.19
C THR A 69 3.36 6.39 26.78
N ILE A 70 2.61 7.15 26.00
CA ILE A 70 2.36 6.86 24.59
C ILE A 70 3.09 7.92 23.77
N ILE A 71 4.12 7.50 23.03
CA ILE A 71 4.85 8.43 22.16
C ILE A 71 3.94 8.83 20.99
N LEU A 72 3.82 10.13 20.75
CA LEU A 72 2.98 10.64 19.68
C LEU A 72 3.76 11.65 18.88
N GLU A 73 3.83 11.47 17.57
CA GLU A 73 4.70 12.31 16.78
C GLU A 73 4.14 12.48 15.38
N PRO A 74 3.98 13.74 14.96
CA PRO A 74 3.68 13.95 13.56
C PRO A 74 4.94 13.65 12.76
N THR A 75 4.80 12.96 11.64
CA THR A 75 5.95 12.60 10.84
C THR A 75 5.63 12.54 9.37
N SER A 76 6.69 12.65 8.57
CA SER A 76 6.62 12.65 7.11
C SER A 76 7.61 11.65 6.53
N GLY A 77 8.74 11.48 7.20
CA GLY A 77 9.82 10.57 6.78
C GLY A 77 10.47 9.75 7.89
N ASN A 78 11.80 9.69 7.88
CA ASN A 78 12.54 8.62 8.57
C ASN A 78 12.55 8.69 10.09
N THR A 79 12.47 9.90 10.62
CA THR A 79 12.36 10.12 12.06
C THR A 79 11.31 9.14 12.60
N GLY A 80 10.16 9.08 11.92
CA GLY A 80 9.09 8.14 12.25
C GLY A 80 9.48 6.68 12.34
N ILE A 81 10.25 6.18 11.38
CA ILE A 81 10.69 4.78 11.42
C ILE A 81 11.52 4.55 12.67
N ALA A 82 12.50 5.43 12.90
CA ALA A 82 13.37 5.33 14.05
C ALA A 82 12.58 5.29 15.34
N LEU A 83 11.64 6.22 15.49
CA LEU A 83 10.80 6.29 16.69
C LEU A 83 9.99 5.02 16.90
N ALA A 84 9.45 4.48 15.82
CA ALA A 84 8.62 3.28 15.94
C ALA A 84 9.50 2.17 16.45
N MET A 85 10.66 2.02 15.82
CA MET A 85 11.57 0.96 16.19
C MET A 85 12.02 1.07 17.65
N VAL A 86 12.44 2.26 18.06
CA VAL A 86 12.93 2.46 19.42
C VAL A 86 11.80 2.33 20.43
N SER A 87 10.62 2.83 20.06
CA SER A 87 9.47 2.73 20.95
C SER A 87 9.16 1.27 21.23
N ALA A 88 9.12 0.46 20.18
CA ALA A 88 8.86 -0.97 20.30
C ALA A 88 9.94 -1.66 21.12
N ALA A 89 11.20 -1.31 20.87
CA ALA A 89 12.31 -1.86 21.64
C ALA A 89 12.12 -1.61 23.14
N ARG A 90 11.84 -0.35 23.48
CA ARG A 90 11.78 0.08 24.88
C ARG A 90 10.46 -0.15 25.59
N GLY A 91 9.44 -0.60 24.86
CA GLY A 91 8.17 -0.96 25.48
C GLY A 91 7.12 0.14 25.45
N TYR A 92 7.35 1.19 24.67
CA TYR A 92 6.37 2.28 24.54
C TYR A 92 5.43 2.08 23.36
N LYS A 93 4.13 2.27 23.61
CA LYS A 93 3.17 2.39 22.52
C LYS A 93 3.52 3.65 21.74
N CYS A 94 3.29 3.59 20.43
CA CYS A 94 3.69 4.63 19.53
C CYS A 94 2.56 4.95 18.56
N VAL A 95 2.14 6.21 18.57
CA VAL A 95 1.11 6.68 17.67
C VAL A 95 1.75 7.75 16.81
N LEU A 96 1.44 7.70 15.52
CA LEU A 96 2.09 8.53 14.53
C LEU A 96 1.06 9.17 13.62
N THR A 97 1.20 10.47 13.41
CA THR A 97 0.34 11.17 12.49
C THR A 97 1.13 11.62 11.30
N MET A 98 0.50 11.53 10.13
CA MET A 98 1.17 11.82 8.88
C MET A 98 0.11 12.10 7.82
N PRO A 99 0.43 12.98 6.86
CA PRO A 99 -0.45 13.18 5.72
C PRO A 99 -0.63 11.91 4.87
N ASP A 100 -1.77 11.81 4.18
CA ASP A 100 -2.06 10.63 3.34
C ASP A 100 -1.24 10.61 2.06
N THR A 101 -0.37 11.61 1.87
CA THR A 101 0.65 11.56 0.80
C THR A 101 1.79 10.57 1.07
N MET A 102 1.81 9.94 2.24
CA MET A 102 2.90 9.05 2.59
C MET A 102 2.73 7.68 1.92
N SER A 103 3.84 7.12 1.46
CA SER A 103 3.82 5.89 0.69
C SER A 103 3.22 4.74 1.49
N ILE A 104 2.60 3.81 0.78
CA ILE A 104 2.04 2.61 1.38
C ILE A 104 3.14 1.78 2.06
N GLU A 105 4.33 1.79 1.45
CA GLU A 105 5.46 1.03 1.93
C GLU A 105 5.91 1.54 3.29
N ARG A 106 6.05 2.86 3.43
CA ARG A 106 6.42 3.45 4.71
CA ARG A 106 6.41 3.47 4.72
C ARG A 106 5.37 3.13 5.78
N ARG A 107 4.09 3.18 5.41
CA ARG A 107 3.00 2.87 6.34
C ARG A 107 3.09 1.43 6.85
N MET A 108 3.34 0.52 5.92
CA MET A 108 3.37 -0.91 6.26
CA MET A 108 3.39 -0.92 6.24
C MET A 108 4.53 -1.18 7.22
N LEU A 109 5.67 -0.57 6.94
CA LEU A 109 6.86 -0.73 7.77
C LEU A 109 6.62 -0.20 9.17
N LEU A 110 6.01 0.98 9.27
CA LEU A 110 5.65 1.55 10.57
C LEU A 110 4.68 0.67 11.33
N ARG A 111 3.73 0.08 10.60
CA ARG A 111 2.78 -0.81 11.25
C ARG A 111 3.46 -2.10 11.71
N ALA A 112 4.45 -2.56 10.96
CA ALA A 112 5.24 -3.72 11.37
C ALA A 112 5.91 -3.50 12.73
N TYR A 113 6.31 -2.27 13.03
CA TYR A 113 6.93 -1.93 14.31
C TYR A 113 5.91 -1.69 15.42
N GLY A 114 4.62 -1.86 15.11
CA GLY A 114 3.56 -1.73 16.12
C GLY A 114 3.06 -0.30 16.24
N ALA A 115 3.53 0.58 15.36
CA ALA A 115 3.03 1.94 15.33
C ALA A 115 1.60 1.97 14.81
N GLU A 116 0.80 2.80 15.44
CA GLU A 116 -0.58 3.07 15.04
C GLU A 116 -0.54 4.37 14.24
N LEU A 117 -1.12 4.35 13.04
CA LEU A 117 -1.01 5.49 12.12
C LEU A 117 -2.31 6.24 12.08
N VAL A 118 -2.23 7.56 12.19
CA VAL A 118 -3.40 8.39 11.98
C VAL A 118 -3.12 9.27 10.78
N LEU A 119 -3.84 9.01 9.69
CA LEU A 119 -3.60 9.70 8.43
C LEU A 119 -4.36 11.02 8.39
N THR A 120 -3.66 12.10 8.08
CA THR A 120 -4.30 13.41 7.88
C THR A 120 -4.37 13.67 6.38
N PRO A 121 -5.15 14.67 5.96
CA PRO A 121 -5.32 14.91 4.53
C PRO A 121 -4.06 15.46 3.86
N GLY A 122 -3.80 15.00 2.64
CA GLY A 122 -2.63 15.42 1.89
C GLY A 122 -2.52 16.93 1.70
N ALA A 123 -3.64 17.56 1.34
CA ALA A 123 -3.69 19.01 1.12
C ALA A 123 -3.19 19.83 2.32
N GLU A 124 -3.47 19.37 3.53
CA GLU A 124 -3.05 20.07 4.75
C GLU A 124 -1.57 19.90 5.07
N GLY A 125 -0.93 18.92 4.43
CA GLY A 125 0.50 18.69 4.63
C GLY A 125 0.84 18.33 6.06
N MET A 126 2.01 18.78 6.50
CA MET A 126 2.50 18.50 7.86
C MET A 126 1.74 19.28 8.94
N ALA A 127 1.31 20.51 8.63
CA ALA A 127 0.48 21.30 9.55
C ALA A 127 -0.75 20.51 9.99
N GLY A 128 -1.34 19.76 9.05
CA GLY A 128 -2.45 18.86 9.35
C GLY A 128 -2.04 17.78 10.32
N ALA A 129 -0.86 17.20 10.10
CA ALA A 129 -0.29 16.19 10.99
C ALA A 129 0.08 16.75 12.37
N ILE A 130 0.70 17.93 12.38
CA ILE A 130 1.01 18.60 13.65
C ILE A 130 -0.28 18.91 14.41
N ALA A 131 -1.31 19.31 13.67
CA ALA A 131 -2.58 19.70 14.27
C ALA A 131 -3.29 18.53 14.93
N LYS A 132 -3.45 17.44 14.19
CA LYS A 132 -4.06 16.23 14.75
C LYS A 132 -3.33 15.77 16.02
N ALA A 133 -1.99 15.83 16.02
CA ALA A 133 -1.21 15.42 17.17
C ALA A 133 -1.48 16.30 18.37
N GLU A 134 -1.52 17.61 18.14
CA GLU A 134 -1.86 18.58 19.19
C GLU A 134 -3.19 18.21 19.81
N GLU A 135 -4.15 17.94 18.94
CA GLU A 135 -5.51 17.61 19.32
C GLU A 135 -5.54 16.37 20.20
N LEU A 136 -4.86 15.32 19.75
CA LEU A 136 -4.82 14.07 20.50
C LEU A 136 -4.14 14.21 21.86
N ALA A 137 -3.13 15.07 21.94
CA ALA A 137 -2.44 15.29 23.19
C ALA A 137 -3.40 15.82 24.26
N LYS A 138 -4.24 16.79 23.88
CA LYS A 138 -5.30 17.28 24.76
C LYS A 138 -6.28 16.17 25.16
N THR A 139 -6.47 15.19 24.28
CA THR A 139 -7.40 14.07 24.53
C THR A 139 -7.00 13.16 25.70
N ASP A 140 -5.70 12.98 25.94
CA ASP A 140 -5.25 12.00 26.91
C ASP A 140 -3.83 12.36 27.33
N ASP A 141 -3.61 12.52 28.63
CA ASP A 141 -2.35 13.05 29.13
C ASP A 141 -1.23 12.01 29.27
N ARG A 142 -1.48 10.77 28.84
CA ARG A 142 -0.41 9.80 28.63
C ARG A 142 0.41 10.13 27.37
N TYR A 143 -0.17 10.91 26.44
CA TYR A 143 0.53 11.25 25.19
C TYR A 143 1.72 12.17 25.46
N PHE A 144 2.87 11.82 24.88
CA PHE A 144 4.04 12.68 24.87
C PHE A 144 4.50 12.89 23.43
N ILE A 145 4.66 14.16 23.04
CA ILE A 145 5.09 14.49 21.69
C ILE A 145 6.54 14.94 21.72
N PRO A 146 7.46 14.17 21.08
CA PRO A 146 8.83 14.64 21.18
C PRO A 146 9.08 16.00 20.52
N GLN A 147 9.89 16.80 21.22
CA GLN A 147 10.42 18.11 20.79
C GLN A 147 10.60 19.00 22.03
N ASN A 154 25.08 23.85 24.01
CA ASN A 154 24.07 23.83 22.96
C ASN A 154 24.05 22.54 22.10
N PRO A 155 25.24 22.07 21.61
CA PRO A 155 25.19 21.00 20.58
C PRO A 155 24.45 19.77 21.06
N ALA A 156 23.56 19.26 20.23
CA ALA A 156 22.72 18.14 20.59
C ALA A 156 23.57 16.88 20.76
N VAL A 157 23.13 16.03 21.68
CA VAL A 157 23.86 14.84 22.07
C VAL A 157 24.22 13.95 20.89
N HIS A 158 23.26 13.72 20.00
CA HIS A 158 23.48 12.87 18.84
C HIS A 158 24.48 13.47 17.86
N ALA A 159 24.55 14.80 17.84
CA ALA A 159 25.57 15.50 17.06
C ALA A 159 26.93 15.33 17.72
N VAL A 160 26.97 15.41 19.05
CA VAL A 160 28.21 15.18 19.79
C VAL A 160 28.78 13.79 19.48
N THR A 161 28.01 12.77 19.80
CA THR A 161 28.40 11.39 19.51
C THR A 161 28.88 11.23 18.08
N THR A 162 28.09 11.72 17.12
CA THR A 162 28.46 11.61 15.72
C THR A 162 29.80 12.28 15.47
N ALA A 163 30.00 13.46 16.05
CA ALA A 163 31.25 14.15 15.88
C ALA A 163 32.39 13.33 16.48
N GLU A 164 32.19 12.79 17.69
CA GLU A 164 33.26 12.01 18.35
C GLU A 164 33.69 10.83 17.50
N GLU A 165 32.73 10.17 16.84
CA GLU A 165 33.07 9.03 15.99
C GLU A 165 33.90 9.46 14.78
N VAL A 166 33.53 10.60 14.20
CA VAL A 166 34.25 11.12 13.07
C VAL A 166 35.66 11.50 13.53
N TRP A 167 35.73 12.04 14.74
CA TRP A 167 37.00 12.47 15.29
C TRP A 167 37.93 11.27 15.54
N ARG A 168 37.42 10.26 16.23
CA ARG A 168 38.16 9.01 16.51
C ARG A 168 38.66 8.36 15.23
N ASP A 169 37.75 8.11 14.30
CA ASP A 169 38.07 7.33 13.10
C ASP A 169 38.92 8.07 12.07
N THR A 170 38.94 9.39 12.12
CA THR A 170 39.87 10.16 11.29
C THR A 170 41.12 10.55 12.07
N ASP A 171 41.26 10.03 13.30
CA ASP A 171 42.40 10.33 14.17
C ASP A 171 42.64 11.83 14.29
N GLY A 172 41.55 12.59 14.37
CA GLY A 172 41.62 14.05 14.49
C GLY A 172 42.04 14.82 13.25
N LYS A 173 42.08 14.15 12.10
CA LYS A 173 42.65 14.74 10.89
C LYS A 173 41.65 15.29 9.92
N VAL A 174 40.38 15.23 10.26
CA VAL A 174 39.35 15.64 9.31
C VAL A 174 39.49 17.12 9.00
N ASP A 175 39.42 17.45 7.72
CA ASP A 175 39.65 18.81 7.27
C ASP A 175 38.39 19.52 6.80
N ILE A 176 37.57 18.80 6.05
CA ILE A 176 36.29 19.33 5.59
C ILE A 176 35.19 18.33 5.81
N PHE A 177 34.14 18.79 6.47
CA PHE A 177 32.92 18.04 6.64
C PHE A 177 31.92 18.58 5.62
N VAL A 178 31.30 17.68 4.88
CA VAL A 178 30.45 18.09 3.74
C VAL A 178 29.10 17.39 3.86
N SER A 179 28.02 18.16 3.93
CA SER A 179 26.72 17.59 4.28
C SER A 179 25.51 18.41 3.86
N GLY A 180 24.39 17.70 3.67
CA GLY A 180 23.09 18.35 3.48
C GLY A 180 22.63 18.98 4.78
N VAL A 181 21.71 19.94 4.66
CA VAL A 181 21.27 20.76 5.79
C VAL A 181 20.45 19.94 6.76
N GLY A 182 19.53 19.15 6.22
CA GLY A 182 18.71 18.25 7.04
C GLY A 182 17.85 18.99 8.04
N THR A 183 17.16 18.22 8.87
CA THR A 183 16.12 18.77 9.73
C THR A 183 16.66 19.08 11.12
N GLY A 184 17.29 18.08 11.75
CA GLY A 184 17.66 18.17 13.17
C GLY A 184 19.01 18.80 13.54
N GLY A 185 19.29 20.00 13.01
CA GLY A 185 20.50 20.77 13.38
C GLY A 185 21.77 19.96 13.55
N THR A 186 21.89 18.89 12.77
CA THR A 186 22.94 17.91 12.95
C THR A 186 24.25 18.43 12.40
N ILE A 187 24.21 18.93 11.17
CA ILE A 187 25.42 19.45 10.51
C ILE A 187 26.05 20.58 11.32
N THR A 188 25.21 21.46 11.84
CA THR A 188 25.70 22.60 12.61
C THR A 188 26.30 22.15 13.95
N GLY A 189 25.66 21.16 14.59
CA GLY A 189 26.17 20.61 15.86
C GLY A 189 27.53 19.97 15.68
N VAL A 190 27.65 19.14 14.65
CA VAL A 190 28.92 18.48 14.37
C VAL A 190 29.99 19.52 14.03
N ALA A 191 29.59 20.58 13.32
CA ALA A 191 30.52 21.65 12.98
C ALA A 191 31.01 22.34 14.24
N GLN A 192 30.10 22.61 15.17
CA GLN A 192 30.42 23.22 16.46
C GLN A 192 31.55 22.47 17.17
N VAL A 193 31.38 21.16 17.26
CA VAL A 193 32.29 20.29 18.01
C VAL A 193 33.63 20.12 17.29
N ILE A 194 33.60 19.82 16.00
CA ILE A 194 34.84 19.65 15.25
C ILE A 194 35.63 20.96 15.21
N LYS A 195 34.96 22.05 14.84
CA LYS A 195 35.63 23.35 14.76
C LYS A 195 36.26 23.79 16.08
N GLN A 196 35.66 23.39 17.20
CA GLN A 196 36.19 23.75 18.52
C GLN A 196 37.57 23.10 18.78
N ARG A 197 37.74 21.87 18.30
CA ARG A 197 39.02 21.16 18.44
C ARG A 197 39.94 21.37 17.29
N ARG A 198 39.41 21.89 16.19
CA ARG A 198 40.20 21.97 14.99
C ARG A 198 39.71 23.18 14.21
N PRO A 199 40.11 24.37 14.68
CA PRO A 199 39.65 25.62 14.09
C PRO A 199 39.89 25.72 12.58
N SER A 200 40.91 25.02 12.08
CA SER A 200 41.20 25.04 10.65
C SER A 200 40.15 24.28 9.83
N ALA A 201 39.40 23.39 10.47
CA ALA A 201 38.36 22.59 9.78
C ALA A 201 37.27 23.43 9.14
N GLN A 202 36.75 22.96 8.00
CA GLN A 202 35.68 23.65 7.28
C GLN A 202 34.40 22.82 7.19
N PHE A 203 33.26 23.50 7.23
CA PHE A 203 31.96 22.85 7.07
C PHE A 203 31.27 23.45 5.85
N VAL A 204 30.84 22.58 4.94
CA VAL A 204 30.22 23.00 3.69
C VAL A 204 28.86 22.36 3.58
N ALA A 205 27.83 23.19 3.50
CA ALA A 205 26.47 22.70 3.30
C ALA A 205 26.26 22.42 1.82
N VAL A 206 25.40 21.45 1.53
CA VAL A 206 25.07 21.08 0.16
C VAL A 206 23.58 21.30 -0.10
N GLU A 207 23.28 21.93 -1.23
CA GLU A 207 21.91 22.30 -1.56
C GLU A 207 21.55 21.79 -2.95
N PRO A 208 20.25 21.49 -3.20
CA PRO A 208 19.88 21.28 -4.59
C PRO A 208 19.23 22.52 -5.20
N ASP A 237 20.82 28.61 11.01
CA ASP A 237 22.13 28.76 11.61
C ASP A 237 23.24 28.55 10.57
N LEU A 238 23.52 29.63 9.84
CA LEU A 238 24.63 29.65 8.88
C LEU A 238 25.87 30.29 9.49
N ALA A 239 25.87 30.45 10.80
CA ALA A 239 27.00 31.03 11.52
C ALA A 239 28.23 30.17 11.30
N LEU A 240 28.03 28.86 11.24
CA LEU A 240 29.14 27.91 11.23
C LEU A 240 29.45 27.31 9.88
N VAL A 241 28.61 27.57 8.88
CA VAL A 241 28.86 27.02 7.55
C VAL A 241 29.81 27.93 6.80
N ASP A 242 30.86 27.36 6.26
CA ASP A 242 31.90 28.15 5.57
C ASP A 242 31.56 28.40 4.11
N GLU A 243 30.73 27.54 3.54
CA GLU A 243 30.35 27.66 2.15
C GLU A 243 29.06 26.90 1.94
N VAL A 244 28.36 27.24 0.87
CA VAL A 244 27.23 26.48 0.42
C VAL A 244 27.44 26.16 -1.04
N ILE A 245 27.38 24.88 -1.36
CA ILE A 245 27.47 24.43 -2.72
C ILE A 245 26.07 24.02 -3.13
N THR A 246 25.53 24.76 -4.08
CA THR A 246 24.23 24.46 -4.63
C THR A 246 24.59 23.43 -5.67
N VAL A 247 23.99 22.26 -5.56
CA VAL A 247 24.42 21.12 -6.32
C VAL A 247 23.59 21.03 -7.59
N GLY A 248 24.27 21.15 -8.72
CA GLY A 248 23.61 21.03 -10.00
C GLY A 248 22.78 19.77 -9.96
N ASN A 249 21.57 19.90 -9.43
CA ASN A 249 20.70 18.76 -9.25
C ASN A 249 20.78 17.89 -10.49
N ASP A 250 21.10 16.62 -10.29
CA ASP A 250 21.03 15.61 -11.34
C ASP A 250 22.33 15.48 -12.15
N ASP A 251 23.30 16.37 -11.87
CA ASP A 251 24.71 15.95 -11.76
C ASP A 251 24.76 14.98 -10.56
N ALA A 252 23.86 15.21 -9.61
CA ALA A 252 23.64 14.34 -8.47
C ALA A 252 23.23 12.89 -8.81
N LEU A 253 22.30 12.74 -9.76
CA LEU A 253 21.83 11.42 -10.17
C LEU A 253 22.98 10.63 -10.77
N GLU A 254 23.75 11.31 -11.62
CA GLU A 254 24.89 10.70 -12.27
C GLU A 254 25.86 10.14 -11.24
N LEU A 255 26.09 10.92 -10.18
CA LEU A 255 27.08 10.55 -9.19
C LEU A 255 26.54 9.41 -8.32
N ALA A 256 25.26 9.46 -8.01
CA ALA A 256 24.61 8.34 -7.31
C ALA A 256 24.70 7.04 -8.12
N ARG A 257 24.56 7.12 -9.44
CA ARG A 257 24.65 5.92 -10.27
C ARG A 257 26.07 5.36 -10.21
N ARG A 258 27.06 6.23 -10.33
CA ARG A 258 28.47 5.79 -10.27
C ARG A 258 28.80 5.14 -8.92
N MET A 259 28.36 5.75 -7.83
CA MET A 259 28.56 5.19 -6.49
C MET A 259 28.08 3.74 -6.37
N ALA A 260 26.86 3.50 -6.83
CA ALA A 260 26.28 2.17 -6.78
C ALA A 260 27.10 1.21 -7.63
N THR A 261 27.44 1.63 -8.85
CA THR A 261 28.08 0.74 -9.80
C THR A 261 29.60 0.67 -9.63
N GLU A 262 30.23 1.75 -9.16
CA GLU A 262 31.70 1.77 -8.98
C GLU A 262 32.20 1.55 -7.55
N GLU A 263 31.33 1.72 -6.55
CA GLU A 263 31.71 1.54 -5.13
C GLU A 263 30.82 0.53 -4.37
N GLY A 264 29.75 0.06 -5.00
CA GLY A 264 28.79 -0.83 -4.32
C GLY A 264 28.00 -0.13 -3.22
N LEU A 265 27.84 1.18 -3.35
CA LEU A 265 27.11 2.01 -2.39
C LEU A 265 25.83 2.56 -3.02
N LEU A 266 24.67 2.03 -2.64
CA LEU A 266 23.38 2.47 -3.23
C LEU A 266 22.68 3.50 -2.33
N PHE A 267 22.54 4.73 -2.81
CA PHE A 267 21.93 5.82 -2.03
C PHE A 267 21.13 6.77 -2.93
N GLY A 268 20.52 7.79 -2.33
CA GLY A 268 19.62 8.68 -3.06
C GLY A 268 20.26 9.91 -3.65
N ILE A 269 19.41 10.77 -4.23
CA ILE A 269 19.84 11.97 -4.93
C ILE A 269 20.68 12.90 -4.05
N SER A 270 20.24 13.11 -2.80
CA SER A 270 20.95 14.03 -1.91
C SER A 270 22.37 13.52 -1.59
N SER A 271 22.51 12.20 -1.39
CA SER A 271 23.82 11.59 -1.17
C SER A 271 24.71 11.81 -2.39
N GLY A 272 24.13 11.70 -3.58
CA GLY A 272 24.83 11.97 -4.82
C GLY A 272 25.36 13.39 -4.86
N ALA A 273 24.50 14.35 -4.52
CA ALA A 273 24.88 15.77 -4.48
C ALA A 273 26.03 16.01 -3.51
N ALA A 274 25.91 15.42 -2.33
CA ALA A 274 26.94 15.54 -1.29
C ALA A 274 28.28 15.08 -1.83
N VAL A 275 28.29 13.91 -2.46
CA VAL A 275 29.52 13.38 -3.02
C VAL A 275 30.02 14.25 -4.16
N TRP A 276 29.11 14.75 -4.99
CA TRP A 276 29.50 15.69 -6.04
C TRP A 276 30.19 16.91 -5.47
N ALA A 277 29.62 17.46 -4.41
CA ALA A 277 30.21 18.61 -3.73
C ALA A 277 31.61 18.28 -3.19
N ALA A 278 31.71 17.12 -2.53
CA ALA A 278 32.97 16.68 -1.96
C ALA A 278 34.02 16.52 -3.05
N ARG A 279 33.62 15.97 -4.19
CA ARG A 279 34.56 15.76 -5.28
C ARG A 279 35.05 17.08 -5.83
N GLU A 280 34.17 18.07 -5.84
CA GLU A 280 34.53 19.39 -6.32
C GLU A 280 35.58 19.96 -5.37
N LEU A 281 35.24 19.94 -4.07
CA LEU A 281 36.20 20.33 -3.04
C LEU A 281 37.53 19.57 -3.15
N ALA A 282 37.44 18.29 -3.48
CA ALA A 282 38.62 17.45 -3.56
C ALA A 282 39.61 17.82 -4.66
N HIS A 283 39.13 18.55 -5.67
CA HIS A 283 39.96 18.93 -6.81
C HIS A 283 40.50 20.36 -6.75
N ARG A 284 39.90 21.19 -5.90
CA ARG A 284 40.45 22.53 -5.66
C ARG A 284 41.88 22.38 -5.16
N PRO A 285 42.85 23.05 -5.81
CA PRO A 285 44.26 22.85 -5.48
C PRO A 285 44.65 23.25 -4.06
N GLU A 286 43.97 24.25 -3.49
CA GLU A 286 44.23 24.65 -2.10
C GLU A 286 43.78 23.60 -1.06
N ASN A 287 43.07 22.58 -1.51
CA ASN A 287 42.68 21.46 -0.65
C ASN A 287 43.53 20.19 -0.85
N ALA A 288 44.62 20.30 -1.59
CA ALA A 288 45.48 19.13 -1.83
C ALA A 288 45.87 18.46 -0.52
N GLY A 289 45.72 17.14 -0.47
CA GLY A 289 46.10 16.34 0.69
C GLY A 289 45.15 16.38 1.87
N LYS A 290 44.11 17.20 1.79
CA LYS A 290 43.14 17.31 2.88
C LYS A 290 42.28 16.06 2.99
N LEU A 291 41.73 15.85 4.18
CA LEU A 291 40.82 14.75 4.43
C LEU A 291 39.38 15.27 4.49
N ILE A 292 38.54 14.78 3.57
CA ILE A 292 37.15 15.27 3.44
C ILE A 292 36.13 14.21 3.80
N VAL A 293 35.23 14.53 4.74
CA VAL A 293 34.25 13.56 5.24
C VAL A 293 32.86 13.93 4.77
N VAL A 294 32.15 12.94 4.22
CA VAL A 294 30.77 13.10 3.81
C VAL A 294 29.94 12.05 4.54
N VAL A 295 28.66 12.31 4.76
CA VAL A 295 27.80 11.33 5.46
C VAL A 295 26.82 10.72 4.48
N LEU A 296 26.70 9.40 4.50
CA LEU A 296 25.65 8.71 3.76
C LEU A 296 24.86 7.78 4.68
N PRO A 297 23.53 7.72 4.53
CA PRO A 297 22.81 8.56 3.60
C PRO A 297 22.88 9.97 4.10
N ASP A 298 22.93 10.90 3.17
CA ASP A 298 23.16 12.27 3.51
C ASP A 298 21.99 12.79 4.32
N PHE A 299 22.20 13.87 5.06
CA PHE A 299 21.16 14.46 5.88
C PHE A 299 19.97 14.91 5.01
N GLY A 300 20.23 15.12 3.73
CA GLY A 300 19.19 15.37 2.72
C GLY A 300 18.40 14.16 2.23
N GLU A 301 19.04 13.00 2.14
CA GLU A 301 18.38 11.81 1.59
C GLU A 301 17.37 11.22 2.58
N SER B 4 -46.56 10.32 -12.58
CA SER B 4 -45.90 9.51 -11.55
C SER B 4 -44.59 10.16 -11.19
N MET B 5 -44.48 10.29 -9.96
CA MET B 5 -43.27 10.39 -9.24
C MET B 5 -42.49 9.08 -9.33
N THR B 6 -41.17 9.19 -9.22
CA THR B 6 -40.28 8.04 -9.25
C THR B 6 -39.37 8.10 -8.03
N ILE B 7 -39.87 7.59 -6.89
CA ILE B 7 -39.11 7.63 -5.62
C ILE B 7 -39.11 6.33 -4.78
N ALA B 8 -37.91 5.80 -4.56
CA ALA B 8 -37.65 4.67 -3.65
C ALA B 8 -37.80 5.09 -2.19
N GLU B 9 -38.33 4.17 -1.36
CA GLU B 9 -38.46 4.43 0.09
C GLU B 9 -37.12 4.41 0.78
N ASN B 10 -36.24 3.54 0.33
CA ASN B 10 -34.91 3.43 0.89
C ASN B 10 -34.00 2.73 -0.09
N ILE B 11 -32.70 2.75 0.22
CA ILE B 11 -31.68 2.23 -0.68
C ILE B 11 -31.82 0.74 -0.95
N ALA B 12 -32.43 0.00 -0.02
CA ALA B 12 -32.64 -1.43 -0.26
C ALA B 12 -33.62 -1.68 -1.41
N GLN B 13 -34.43 -0.68 -1.77
CA GLN B 13 -35.32 -0.80 -2.93
C GLN B 13 -34.65 -0.44 -4.26
N LEU B 14 -33.40 0.03 -4.22
CA LEU B 14 -32.66 0.32 -5.45
C LEU B 14 -31.63 -0.76 -5.78
N ILE B 15 -31.81 -1.94 -5.21
CA ILE B 15 -30.95 -3.09 -5.53
C ILE B 15 -31.43 -3.76 -6.81
N GLY B 16 -30.51 -4.02 -7.72
CA GLY B 16 -30.83 -4.71 -8.98
C GLY B 16 -31.08 -3.75 -10.13
N GLY B 17 -31.63 -4.27 -11.22
CA GLY B 17 -31.88 -3.47 -12.43
C GLY B 17 -30.59 -2.94 -13.01
N THR B 18 -29.53 -3.73 -12.92
CA THR B 18 -28.19 -3.33 -13.33
C THR B 18 -28.01 -3.44 -14.86
N PRO B 19 -27.16 -2.58 -15.44
CA PRO B 19 -27.01 -2.47 -16.89
C PRO B 19 -25.97 -3.40 -17.51
N LEU B 20 -26.16 -3.68 -18.81
CA LEU B 20 -25.20 -4.40 -19.60
C LEU B 20 -24.32 -3.40 -20.36
N VAL B 21 -23.05 -3.74 -20.53
CA VAL B 21 -22.12 -2.96 -21.37
C VAL B 21 -21.35 -3.90 -22.30
N ARG B 22 -21.01 -3.43 -23.50
CA ARG B 22 -20.22 -4.24 -24.44
C ARG B 22 -18.77 -4.25 -24.01
N LEU B 23 -18.09 -5.37 -24.21
CA LEU B 23 -16.63 -5.39 -24.12
C LEU B 23 -16.10 -5.40 -25.56
N ARG B 24 -15.63 -4.25 -26.01
CA ARG B 24 -15.26 -4.04 -27.40
C ARG B 24 -13.76 -4.27 -27.63
N ARG B 25 -12.93 -3.79 -26.71
CA ARG B 25 -11.49 -3.73 -26.95
C ARG B 25 -10.74 -4.95 -26.38
N VAL B 26 -11.06 -5.39 -25.16
CA VAL B 26 -10.31 -6.49 -24.54
C VAL B 26 -10.53 -7.86 -25.18
N THR B 27 -11.50 -7.96 -26.11
CA THR B 27 -11.82 -9.23 -26.73
C THR B 27 -11.03 -9.50 -28.04
N ASP B 28 -10.18 -8.57 -28.46
CA ASP B 28 -9.19 -8.85 -29.52
C ASP B 28 -9.65 -9.82 -30.59
N GLY B 29 -10.68 -9.46 -31.34
CA GLY B 29 -11.21 -10.41 -32.32
C GLY B 29 -12.49 -9.81 -32.84
N ALA B 30 -13.63 -10.45 -32.60
CA ALA B 30 -13.76 -11.81 -32.11
C ALA B 30 -15.15 -12.19 -32.59
N ALA B 31 -15.27 -13.37 -33.18
CA ALA B 31 -16.51 -13.73 -33.87
C ALA B 31 -17.77 -13.58 -33.00
N ALA B 32 -17.62 -13.71 -31.70
CA ALA B 32 -18.75 -13.63 -30.78
C ALA B 32 -18.75 -12.28 -30.05
N ASP B 33 -19.94 -11.82 -29.67
CA ASP B 33 -20.08 -10.61 -28.87
C ASP B 33 -20.04 -10.95 -27.40
N VAL B 34 -19.34 -10.13 -26.63
CA VAL B 34 -19.29 -10.32 -25.19
C VAL B 34 -19.80 -9.09 -24.51
N VAL B 35 -20.74 -9.28 -23.58
CA VAL B 35 -21.23 -8.17 -22.79
C VAL B 35 -21.13 -8.52 -21.32
N ALA B 36 -21.03 -7.47 -20.51
CA ALA B 36 -20.85 -7.62 -19.07
C ALA B 36 -22.02 -6.97 -18.33
N LYS B 37 -22.55 -7.69 -17.35
CA LYS B 37 -23.61 -7.16 -16.49
C LYS B 37 -22.96 -6.56 -15.26
N LEU B 38 -23.14 -5.25 -15.10
CA LEU B 38 -22.43 -4.51 -14.06
C LEU B 38 -23.17 -4.50 -12.73
N GLU B 39 -22.94 -5.55 -11.94
CA GLU B 39 -23.49 -5.64 -10.58
C GLU B 39 -22.87 -4.61 -9.65
N SER B 40 -21.85 -3.93 -10.15
CA SER B 40 -21.23 -2.80 -9.44
C SER B 40 -22.12 -1.59 -9.28
N PHE B 41 -23.15 -1.48 -10.13
CA PHE B 41 -24.15 -0.39 -10.00
C PHE B 41 -25.11 -0.61 -8.84
N ASN B 42 -25.09 -1.79 -8.24
CA ASN B 42 -25.82 -2.01 -6.99
C ASN B 42 -25.26 -1.08 -5.93
N PRO B 43 -26.10 -0.67 -4.99
CA PRO B 43 -25.69 0.28 -3.97
C PRO B 43 -24.38 -0.12 -3.29
N ALA B 44 -24.23 -1.38 -2.92
CA ALA B 44 -23.03 -1.85 -2.23
C ALA B 44 -22.00 -2.50 -3.15
N GLY B 45 -22.25 -2.49 -4.46
CA GLY B 45 -21.19 -2.75 -5.43
C GLY B 45 -21.06 -4.16 -5.97
N SER B 46 -21.93 -5.07 -5.53
CA SER B 46 -21.87 -6.44 -6.01
C SER B 46 -23.23 -7.11 -5.97
N ILE B 47 -23.27 -8.29 -6.59
CA ILE B 47 -24.42 -9.17 -6.59
C ILE B 47 -24.86 -9.59 -5.17
N LYS B 48 -23.96 -9.46 -4.19
CA LYS B 48 -24.28 -9.84 -2.82
C LYS B 48 -25.41 -8.98 -2.27
N ASP B 49 -25.55 -7.75 -2.79
CA ASP B 49 -26.70 -6.89 -2.45
C ASP B 49 -28.03 -7.64 -2.64
N ARG B 50 -28.15 -8.34 -3.75
CA ARG B 50 -29.36 -9.08 -4.05
C ARG B 50 -29.58 -10.20 -3.06
N ILE B 51 -28.53 -10.96 -2.77
CA ILE B 51 -28.57 -12.07 -1.81
C ILE B 51 -28.98 -11.57 -0.41
N GLY B 52 -28.39 -10.45 0.01
CA GLY B 52 -28.68 -9.87 1.33
C GLY B 52 -30.13 -9.48 1.53
N VAL B 53 -30.66 -8.66 0.62
CA VAL B 53 -32.03 -8.19 0.72
C VAL B 53 -33.02 -9.35 0.58
N ALA B 54 -32.72 -10.28 -0.32
CA ALA B 54 -33.53 -11.47 -0.50
C ALA B 54 -33.59 -12.32 0.78
N MET B 55 -32.47 -12.48 1.47
CA MET B 55 -32.44 -13.22 2.75
C MET B 55 -33.35 -12.54 3.76
N ILE B 56 -33.26 -11.22 3.85
CA ILE B 56 -34.04 -10.48 4.83
C ILE B 56 -35.53 -10.45 4.53
N ASP B 57 -35.89 -10.33 3.26
CA ASP B 57 -37.30 -10.40 2.86
C ASP B 57 -37.91 -11.75 3.24
N ALA B 58 -37.20 -12.82 2.92
CA ALA B 58 -37.69 -14.17 3.18
C ALA B 58 -37.93 -14.39 4.66
N ALA B 59 -36.95 -14.00 5.46
CA ALA B 59 -36.98 -14.20 6.89
C ALA B 59 -38.08 -13.37 7.55
N GLU B 60 -38.32 -12.19 7.01
CA GLU B 60 -39.50 -11.41 7.42
C GLU B 60 -40.78 -12.16 7.05
N LYS B 61 -40.97 -12.43 5.76
CA LYS B 61 -42.18 -13.11 5.28
C LYS B 61 -42.46 -14.39 6.09
N ALA B 62 -41.41 -15.07 6.51
CA ALA B 62 -41.49 -16.30 7.29
C ALA B 62 -41.63 -16.06 8.81
N GLY B 63 -41.66 -14.81 9.24
CA GLY B 63 -41.78 -14.50 10.67
C GLY B 63 -40.55 -14.83 11.51
N LEU B 64 -39.45 -15.20 10.87
CA LEU B 64 -38.21 -15.51 11.59
C LEU B 64 -37.47 -14.25 12.03
N ILE B 65 -37.77 -13.12 11.38
CA ILE B 65 -37.15 -11.83 11.73
C ILE B 65 -38.20 -10.92 12.35
N LYS B 66 -38.17 -10.83 13.67
CA LYS B 66 -39.10 -10.00 14.42
C LYS B 66 -38.51 -8.59 14.44
N PRO B 67 -39.28 -7.60 14.91
CA PRO B 67 -38.76 -6.23 14.84
C PRO B 67 -37.56 -5.94 15.76
N ASP B 68 -37.38 -6.73 16.82
CA ASP B 68 -36.24 -6.58 17.73
C ASP B 68 -35.10 -7.54 17.40
N THR B 69 -35.10 -8.07 16.18
CA THR B 69 -34.14 -9.09 15.77
C THR B 69 -32.80 -8.44 15.50
N ILE B 70 -31.74 -9.16 15.87
CA ILE B 70 -30.37 -8.77 15.59
C ILE B 70 -29.80 -9.71 14.54
N ILE B 71 -29.57 -9.18 13.35
CA ILE B 71 -28.96 -9.98 12.28
C ILE B 71 -27.52 -10.30 12.68
N LEU B 72 -27.16 -11.58 12.65
CA LEU B 72 -25.82 -12.04 13.03
C LEU B 72 -25.29 -12.93 11.94
N GLU B 73 -24.08 -12.65 11.47
CA GLU B 73 -23.53 -13.38 10.35
C GLU B 73 -22.01 -13.46 10.40
N PRO B 74 -21.45 -14.67 10.31
CA PRO B 74 -20.01 -14.75 10.15
C PRO B 74 -19.64 -14.32 8.74
N THR B 75 -18.59 -13.52 8.60
CA THR B 75 -18.20 -13.01 7.29
C THR B 75 -16.67 -12.86 7.20
N ASN B 78 -18.10 -9.58 0.96
CA ASN B 78 -19.07 -8.54 0.57
C ASN B 78 -20.48 -8.77 1.12
N THR B 79 -20.83 -10.04 1.31
CA THR B 79 -22.09 -10.41 1.95
C THR B 79 -22.28 -9.55 3.21
N GLY B 80 -21.20 -9.44 4.00
CA GLY B 80 -21.14 -8.57 5.17
C GLY B 80 -21.51 -7.11 4.93
N ILE B 81 -20.90 -6.48 3.92
CA ILE B 81 -21.23 -5.09 3.59
C ILE B 81 -22.70 -4.97 3.24
N ALA B 82 -23.16 -5.84 2.34
CA ALA B 82 -24.56 -5.82 1.89
C ALA B 82 -25.51 -5.93 3.06
N LEU B 83 -25.22 -6.87 3.97
CA LEU B 83 -26.09 -7.08 5.15
C LEU B 83 -26.11 -5.86 6.06
N ALA B 84 -24.94 -5.27 6.28
CA ALA B 84 -24.80 -4.07 7.09
C ALA B 84 -25.63 -2.93 6.51
N MET B 85 -25.49 -2.72 5.21
CA MET B 85 -26.21 -1.66 4.54
C MET B 85 -27.74 -1.87 4.55
N VAL B 86 -28.18 -3.10 4.29
CA VAL B 86 -29.61 -3.39 4.26
C VAL B 86 -30.19 -3.39 5.68
N SER B 87 -29.43 -3.93 6.63
CA SER B 87 -29.84 -3.93 8.04
C SER B 87 -30.10 -2.51 8.52
N ALA B 88 -29.12 -1.64 8.28
CA ALA B 88 -29.21 -0.25 8.68
C ALA B 88 -30.40 0.44 8.00
N ALA B 89 -30.60 0.16 6.72
CA ALA B 89 -31.72 0.73 5.98
C ALA B 89 -33.05 0.30 6.61
N ARG B 90 -33.16 -0.97 6.97
CA ARG B 90 -34.41 -1.54 7.48
C ARG B 90 -34.62 -1.42 8.98
N GLY B 91 -33.62 -0.94 9.70
CA GLY B 91 -33.76 -0.71 11.13
C GLY B 91 -33.33 -1.87 12.02
N TYR B 92 -32.58 -2.82 11.46
CA TYR B 92 -32.10 -3.96 12.23
C TYR B 92 -30.69 -3.73 12.73
N LYS B 93 -30.48 -3.99 14.01
CA LYS B 93 -29.13 -4.08 14.55
C LYS B 93 -28.42 -5.22 13.83
N CYS B 94 -27.14 -5.01 13.56
CA CYS B 94 -26.36 -5.97 12.80
C CYS B 94 -25.04 -6.28 13.49
N VAL B 95 -24.84 -7.56 13.78
CA VAL B 95 -23.59 -8.01 14.34
C VAL B 95 -22.93 -8.96 13.36
N LEU B 96 -21.62 -8.84 13.27
CA LEU B 96 -20.84 -9.56 12.31
C LEU B 96 -19.61 -10.14 13.00
N THR B 97 -19.41 -11.45 12.83
CA THR B 97 -18.20 -12.10 13.30
C THR B 97 -17.26 -12.35 12.13
N MET B 98 -15.97 -12.20 12.41
CA MET B 98 -14.94 -12.29 11.38
C MET B 98 -13.59 -12.53 12.04
N PRO B 99 -12.69 -13.21 11.33
CA PRO B 99 -11.35 -13.38 11.87
C PRO B 99 -10.55 -12.07 11.95
N ASP B 100 -9.58 -12.07 12.84
CA ASP B 100 -8.60 -11.00 13.03
C ASP B 100 -7.87 -10.57 11.77
N THR B 101 -7.78 -11.48 10.81
CA THR B 101 -7.04 -11.25 9.57
C THR B 101 -7.63 -10.16 8.68
N MET B 102 -8.86 -9.73 8.97
CA MET B 102 -9.57 -8.80 8.09
C MET B 102 -8.98 -7.40 8.21
N SER B 103 -8.87 -6.74 7.05
CA SER B 103 -8.23 -5.43 6.96
C SER B 103 -8.94 -4.38 7.82
N ILE B 104 -8.18 -3.39 8.28
CA ILE B 104 -8.73 -2.28 9.03
C ILE B 104 -9.73 -1.48 8.20
N GLU B 105 -9.49 -1.40 6.89
CA GLU B 105 -10.38 -0.70 5.97
C GLU B 105 -11.78 -1.34 5.91
N ARG B 106 -11.83 -2.66 5.72
CA ARG B 106 -13.10 -3.38 5.69
C ARG B 106 -13.87 -3.17 6.99
N ARG B 107 -13.16 -3.26 8.11
CA ARG B 107 -13.77 -3.06 9.43
C ARG B 107 -14.41 -1.68 9.55
N MET B 108 -13.65 -0.67 9.15
CA MET B 108 -14.11 0.71 9.27
C MET B 108 -15.38 0.92 8.47
N LEU B 109 -15.41 0.37 7.26
CA LEU B 109 -16.57 0.48 6.36
C LEU B 109 -17.80 -0.16 6.97
N LEU B 110 -17.63 -1.38 7.49
CA LEU B 110 -18.71 -2.09 8.19
C LEU B 110 -19.18 -1.32 9.42
N ARG B 111 -18.26 -0.70 10.13
CA ARG B 111 -18.64 0.09 11.31
C ARG B 111 -19.36 1.36 10.92
N ALA B 112 -18.99 1.92 9.77
CA ALA B 112 -19.70 3.08 9.22
C ALA B 112 -21.19 2.79 8.97
N TYR B 113 -21.51 1.54 8.63
CA TYR B 113 -22.92 1.14 8.43
C TYR B 113 -23.63 0.80 9.73
N GLY B 114 -22.91 0.91 10.85
CA GLY B 114 -23.46 0.61 12.17
C GLY B 114 -23.35 -0.86 12.55
N ALA B 115 -22.54 -1.62 11.83
CA ALA B 115 -22.30 -3.02 12.18
C ALA B 115 -21.40 -3.08 13.41
N GLU B 116 -21.71 -3.99 14.32
CA GLU B 116 -20.84 -4.28 15.46
C GLU B 116 -20.02 -5.52 15.14
N LEU B 117 -18.70 -5.40 15.27
CA LEU B 117 -17.80 -6.45 14.82
C LEU B 117 -17.28 -7.26 15.98
N VAL B 118 -17.37 -8.58 15.89
CA VAL B 118 -16.82 -9.45 16.90
C VAL B 118 -15.69 -10.21 16.21
N LEU B 119 -14.47 -9.85 16.57
CA LEU B 119 -13.28 -10.44 15.93
C LEU B 119 -12.93 -11.79 16.55
N THR B 120 -12.73 -12.79 15.70
CA THR B 120 -12.24 -14.10 16.14
C THR B 120 -10.75 -14.19 15.80
N PRO B 121 -10.05 -15.17 16.36
CA PRO B 121 -8.60 -15.28 16.10
C PRO B 121 -8.28 -15.66 14.66
N GLY B 122 -7.22 -15.06 14.13
CA GLY B 122 -6.80 -15.30 12.74
C GLY B 122 -6.54 -16.76 12.45
N ALA B 123 -5.83 -17.43 13.36
CA ALA B 123 -5.49 -18.85 13.22
C ALA B 123 -6.71 -19.73 12.95
N GLU B 124 -7.81 -19.44 13.64
CA GLU B 124 -9.05 -20.23 13.51
C GLU B 124 -9.80 -19.98 12.21
N GLY B 125 -9.46 -18.91 11.49
CA GLY B 125 -10.07 -18.60 10.20
C GLY B 125 -11.57 -18.39 10.30
N MET B 126 -12.29 -18.80 9.26
CA MET B 126 -13.74 -18.64 9.20
C MET B 126 -14.48 -19.60 10.12
N ALA B 127 -13.92 -20.80 10.33
CA ALA B 127 -14.48 -21.75 11.30
C ALA B 127 -14.65 -21.08 12.66
N GLY B 128 -13.64 -20.32 13.05
CA GLY B 128 -13.68 -19.57 14.31
C GLY B 128 -14.81 -18.58 14.29
N ALA B 129 -14.97 -17.89 13.17
CA ALA B 129 -16.05 -16.94 12.98
C ALA B 129 -17.44 -17.62 12.98
N ILE B 130 -17.55 -18.75 12.28
CA ILE B 130 -18.80 -19.52 12.30
C ILE B 130 -19.10 -19.99 13.72
N ALA B 131 -18.07 -20.41 14.44
CA ALA B 131 -18.23 -20.93 15.80
C ALA B 131 -18.68 -19.85 16.77
N LYS B 132 -18.04 -18.69 16.72
CA LYS B 132 -18.41 -17.55 17.57
C LYS B 132 -19.88 -17.18 17.33
N ALA B 133 -20.31 -17.22 16.07
CA ALA B 133 -21.69 -16.89 15.73
C ALA B 133 -22.67 -17.92 16.29
N GLU B 134 -22.34 -19.20 16.12
CA GLU B 134 -23.16 -20.29 16.65
C GLU B 134 -23.32 -20.15 18.16
N GLU B 135 -22.21 -19.88 18.85
CA GLU B 135 -22.24 -19.69 20.30
C GLU B 135 -23.14 -18.50 20.70
N LEU B 136 -22.95 -17.37 20.03
CA LEU B 136 -23.72 -16.17 20.34
C LEU B 136 -25.21 -16.40 20.14
N ALA B 137 -25.57 -17.12 19.10
CA ALA B 137 -26.96 -17.44 18.83
C ALA B 137 -27.58 -18.10 20.06
N LYS B 138 -26.84 -19.02 20.66
CA LYS B 138 -27.23 -19.64 21.93
C LYS B 138 -27.29 -18.63 23.08
N THR B 139 -26.42 -17.62 23.03
CA THR B 139 -26.34 -16.60 24.08
C THR B 139 -27.55 -15.65 24.18
N ASP B 140 -28.28 -15.46 23.08
CA ASP B 140 -29.43 -14.55 23.07
C ASP B 140 -30.31 -14.88 21.87
N ASP B 141 -31.58 -15.14 22.12
CA ASP B 141 -32.46 -15.66 21.06
C ASP B 141 -33.08 -14.58 20.18
N ARG B 142 -32.67 -13.32 20.38
CA ARG B 142 -32.90 -12.26 19.39
C ARG B 142 -32.02 -12.41 18.15
N TYR B 143 -30.92 -13.16 18.27
CA TYR B 143 -30.00 -13.36 17.14
C TYR B 143 -30.61 -14.23 16.06
N PHE B 144 -30.55 -13.75 14.82
CA PHE B 144 -30.92 -14.53 13.64
C PHE B 144 -29.70 -14.60 12.72
N ILE B 145 -29.30 -15.82 12.37
CA ILE B 145 -28.18 -16.06 11.44
C ILE B 145 -28.76 -16.47 10.10
N PRO B 146 -28.62 -15.61 9.07
CA PRO B 146 -29.15 -15.93 7.75
C PRO B 146 -28.70 -17.30 7.18
N GLN B 147 -29.69 -18.17 6.92
CA GLN B 147 -29.48 -19.52 6.34
C GLN B 147 -30.82 -20.24 6.12
N ASN B 154 -36.51 -22.98 -5.44
CA ASN B 154 -35.95 -23.95 -6.38
C ASN B 154 -34.72 -23.34 -7.04
N PRO B 155 -34.91 -22.41 -8.00
CA PRO B 155 -33.92 -21.35 -8.16
C PRO B 155 -34.19 -20.25 -7.12
N ALA B 156 -33.12 -19.73 -6.53
CA ALA B 156 -33.20 -18.62 -5.59
C ALA B 156 -33.78 -17.40 -6.29
N VAL B 157 -34.56 -16.63 -5.53
CA VAL B 157 -35.27 -15.46 -6.04
C VAL B 157 -34.29 -14.47 -6.68
N HIS B 158 -33.17 -14.23 -6.03
CA HIS B 158 -32.18 -13.29 -6.55
C HIS B 158 -31.53 -13.79 -7.84
N ALA B 159 -31.49 -15.09 -8.04
CA ALA B 159 -31.05 -15.65 -9.31
C ALA B 159 -32.12 -15.46 -10.36
N VAL B 160 -33.40 -15.63 -9.97
CA VAL B 160 -34.49 -15.45 -10.93
C VAL B 160 -34.49 -14.02 -11.46
N THR B 161 -34.55 -13.04 -10.56
CA THR B 161 -34.48 -11.63 -10.92
C THR B 161 -33.27 -11.34 -11.81
N THR B 162 -32.10 -11.81 -11.41
CA THR B 162 -30.89 -11.57 -12.19
C THR B 162 -31.07 -12.17 -13.58
N ALA B 163 -31.64 -13.36 -13.64
CA ALA B 163 -31.87 -14.00 -14.92
C ALA B 163 -32.89 -13.19 -15.75
N GLU B 164 -33.98 -12.73 -15.14
CA GLU B 164 -34.97 -11.93 -15.88
C GLU B 164 -34.35 -10.67 -16.50
N GLU B 165 -33.46 -10.01 -15.75
CA GLU B 165 -32.79 -8.83 -16.28
C GLU B 165 -31.90 -9.19 -17.46
N VAL B 166 -31.19 -10.31 -17.34
CA VAL B 166 -30.31 -10.74 -18.43
C VAL B 166 -31.18 -11.07 -19.65
N TRP B 167 -32.33 -11.68 -19.38
CA TRP B 167 -33.27 -12.05 -20.43
C TRP B 167 -33.83 -10.83 -21.17
N ARG B 168 -34.36 -9.87 -20.40
CA ARG B 168 -34.91 -8.62 -20.94
C ARG B 168 -33.89 -7.88 -21.79
N ASP B 169 -32.73 -7.61 -21.20
CA ASP B 169 -31.72 -6.73 -21.82
C ASP B 169 -31.00 -7.36 -22.99
N THR B 170 -30.93 -8.68 -23.05
CA THR B 170 -30.41 -9.35 -24.25
C THR B 170 -31.53 -9.69 -25.24
N ASP B 171 -32.76 -9.27 -24.95
CA ASP B 171 -33.91 -9.59 -25.79
C ASP B 171 -34.01 -11.08 -26.12
N GLY B 172 -33.79 -11.91 -25.11
CA GLY B 172 -33.92 -13.35 -25.24
C GLY B 172 -32.87 -14.03 -26.10
N LYS B 173 -31.75 -13.33 -26.36
CA LYS B 173 -30.75 -13.83 -27.28
C LYS B 173 -29.44 -14.32 -26.68
N VAL B 174 -29.33 -14.33 -25.36
CA VAL B 174 -28.10 -14.79 -24.71
C VAL B 174 -27.81 -16.25 -25.07
N ASP B 175 -26.56 -16.54 -25.42
CA ASP B 175 -26.17 -17.89 -25.87
C ASP B 175 -25.22 -18.58 -24.91
N ILE B 176 -24.35 -17.81 -24.28
CA ILE B 176 -23.49 -18.34 -23.24
C ILE B 176 -23.45 -17.40 -22.06
N PHE B 177 -23.64 -17.95 -20.88
CA PHE B 177 -23.50 -17.23 -19.65
C PHE B 177 -22.23 -17.75 -19.00
N VAL B 178 -21.37 -16.85 -18.57
CA VAL B 178 -20.05 -17.22 -18.06
C VAL B 178 -19.81 -16.60 -16.69
N SER B 179 -19.50 -17.44 -15.71
CA SER B 179 -19.40 -16.96 -14.34
C SER B 179 -18.52 -17.80 -13.41
N GLY B 180 -18.00 -17.13 -12.39
CA GLY B 180 -17.33 -17.78 -11.29
C GLY B 180 -18.34 -18.59 -10.47
N VAL B 181 -17.80 -19.53 -9.70
CA VAL B 181 -18.62 -20.48 -8.96
C VAL B 181 -19.32 -19.82 -7.79
N GLY B 182 -18.62 -18.90 -7.12
CA GLY B 182 -19.22 -18.11 -6.07
C GLY B 182 -19.78 -18.92 -4.92
N THR B 183 -20.52 -18.24 -4.04
CA THR B 183 -21.03 -18.85 -2.82
C THR B 183 -22.49 -19.23 -2.97
N GLY B 184 -23.31 -18.25 -3.30
CA GLY B 184 -24.77 -18.40 -3.24
C GLY B 184 -25.51 -18.96 -4.44
N GLY B 185 -25.06 -20.11 -4.97
CA GLY B 185 -25.81 -20.86 -6.02
C GLY B 185 -26.42 -19.99 -7.11
N THR B 186 -25.73 -18.91 -7.44
CA THR B 186 -26.29 -17.89 -8.30
C THR B 186 -26.21 -18.30 -9.76
N ILE B 187 -25.05 -18.80 -10.16
CA ILE B 187 -24.88 -19.27 -11.54
C ILE B 187 -25.91 -20.37 -11.85
N THR B 188 -26.06 -21.30 -10.92
CA THR B 188 -26.90 -22.44 -11.16
C THR B 188 -28.36 -22.00 -11.26
N GLY B 189 -28.76 -21.03 -10.45
CA GLY B 189 -30.11 -20.48 -10.52
C GLY B 189 -30.39 -19.79 -11.85
N VAL B 190 -29.47 -18.96 -12.29
CA VAL B 190 -29.63 -18.27 -13.56
C VAL B 190 -29.65 -19.29 -14.70
N ALA B 191 -28.86 -20.34 -14.55
CA ALA B 191 -28.80 -21.39 -15.56
C ALA B 191 -30.12 -22.13 -15.69
N GLN B 192 -30.74 -22.45 -14.56
CA GLN B 192 -32.04 -23.13 -14.55
C GLN B 192 -33.08 -22.35 -15.33
N VAL B 193 -33.15 -21.05 -15.05
CA VAL B 193 -34.17 -20.19 -15.67
C VAL B 193 -33.92 -19.96 -17.15
N ILE B 194 -32.70 -19.59 -17.51
CA ILE B 194 -32.40 -19.32 -18.90
C ILE B 194 -32.53 -20.60 -19.73
N LYS B 195 -31.92 -21.68 -19.25
CA LYS B 195 -31.95 -22.95 -19.97
C LYS B 195 -33.39 -23.44 -20.19
N GLN B 196 -34.28 -23.14 -19.23
CA GLN B 196 -35.68 -23.57 -19.34
C GLN B 196 -36.41 -22.90 -20.53
N ARG B 197 -36.10 -21.63 -20.77
CA ARG B 197 -36.72 -20.86 -21.88
C ARG B 197 -35.80 -20.77 -23.11
N ARG B 198 -34.58 -21.30 -23.00
CA ARG B 198 -33.65 -21.31 -24.11
C ARG B 198 -32.70 -22.51 -23.97
N PRO B 199 -33.20 -23.69 -24.35
CA PRO B 199 -32.43 -24.92 -24.13
C PRO B 199 -31.07 -24.89 -24.80
N SER B 200 -30.93 -24.14 -25.89
CA SER B 200 -29.66 -24.06 -26.60
C SER B 200 -28.58 -23.29 -25.81
N ALA B 201 -28.98 -22.47 -24.84
CA ALA B 201 -28.04 -21.65 -24.06
C ALA B 201 -27.04 -22.50 -23.27
N GLN B 202 -25.81 -22.00 -23.12
CA GLN B 202 -24.75 -22.73 -22.43
C GLN B 202 -24.25 -21.98 -21.20
N PHE B 203 -23.83 -22.73 -20.19
CA PHE B 203 -23.30 -22.17 -18.96
C PHE B 203 -21.92 -22.68 -18.67
N VAL B 204 -21.00 -21.75 -18.48
CA VAL B 204 -19.60 -22.07 -18.27
C VAL B 204 -19.16 -21.53 -16.92
N ALA B 205 -18.72 -22.42 -16.04
CA ALA B 205 -18.16 -22.02 -14.75
C ALA B 205 -16.69 -21.68 -14.93
N VAL B 206 -16.20 -20.73 -14.14
CA VAL B 206 -14.79 -20.32 -14.22
C VAL B 206 -14.08 -20.54 -12.88
N GLU B 207 -12.94 -21.22 -12.92
CA GLU B 207 -12.15 -21.50 -11.70
C GLU B 207 -10.70 -21.04 -11.83
N PRO B 208 -10.11 -20.56 -10.71
CA PRO B 208 -8.69 -20.26 -10.69
C PRO B 208 -7.85 -21.52 -10.51
N ALA B 209 -6.62 -21.48 -11.01
CA ALA B 209 -5.59 -22.42 -10.60
C ALA B 209 -5.24 -22.16 -9.13
N LEU B 236 -22.53 -25.97 -7.38
CA LEU B 236 -22.59 -26.37 -8.77
C LEU B 236 -23.26 -27.74 -8.96
N ASP B 237 -24.45 -27.73 -9.53
CA ASP B 237 -24.96 -28.90 -10.21
C ASP B 237 -24.14 -28.92 -11.49
N LEU B 238 -23.10 -29.75 -11.51
CA LEU B 238 -22.34 -29.95 -12.75
C LEU B 238 -23.31 -30.44 -13.82
N ALA B 239 -24.50 -30.84 -13.38
CA ALA B 239 -25.61 -31.10 -14.27
C ALA B 239 -25.83 -29.88 -15.14
N LEU B 240 -25.84 -28.70 -14.52
CA LEU B 240 -26.11 -27.45 -15.22
C LEU B 240 -24.96 -26.80 -15.96
N VAL B 241 -23.76 -26.78 -15.37
CA VAL B 241 -22.61 -26.22 -16.06
C VAL B 241 -22.28 -27.12 -17.24
N ASP B 242 -22.12 -26.51 -18.40
CA ASP B 242 -21.78 -27.23 -19.63
C ASP B 242 -20.28 -27.44 -19.74
N GLU B 243 -19.52 -26.56 -19.10
CA GLU B 243 -18.08 -26.64 -19.18
C GLU B 243 -17.50 -25.91 -18.00
N VAL B 244 -16.26 -26.26 -17.66
CA VAL B 244 -15.48 -25.50 -16.71
C VAL B 244 -14.24 -25.00 -17.42
N ILE B 245 -14.00 -23.69 -17.30
CA ILE B 245 -12.79 -23.08 -17.81
C ILE B 245 -11.95 -22.70 -16.60
N THR B 246 -10.78 -23.33 -16.49
CA THR B 246 -9.84 -23.05 -15.42
C THR B 246 -9.03 -21.86 -15.89
N VAL B 247 -9.22 -20.71 -15.27
CA VAL B 247 -8.58 -19.50 -15.73
C VAL B 247 -7.18 -19.51 -15.16
N GLY B 248 -6.21 -19.68 -16.06
CA GLY B 248 -4.80 -19.63 -15.71
C GLY B 248 -4.61 -18.41 -14.86
N ASN B 249 -4.83 -18.59 -13.56
CA ASN B 249 -4.82 -17.48 -12.62
C ASN B 249 -3.69 -16.54 -12.98
N ASP B 250 -4.05 -15.28 -13.19
CA ASP B 250 -3.08 -14.21 -13.39
C ASP B 250 -2.69 -14.00 -14.88
N ASP B 251 -3.17 -14.88 -15.76
CA ASP B 251 -3.71 -14.44 -17.06
C ASP B 251 -4.89 -13.52 -16.72
N ALA B 252 -5.55 -13.83 -15.60
CA ALA B 252 -6.61 -13.00 -15.02
C ALA B 252 -6.19 -11.58 -14.65
N LEU B 253 -5.01 -11.43 -14.04
CA LEU B 253 -4.52 -10.12 -13.62
C LEU B 253 -4.29 -9.25 -14.85
N GLU B 254 -3.73 -9.85 -15.88
CA GLU B 254 -3.45 -9.15 -17.12
C GLU B 254 -4.74 -8.62 -17.70
N LEU B 255 -5.74 -9.48 -17.73
CA LEU B 255 -7.01 -9.12 -18.32
C LEU B 255 -7.73 -8.08 -17.50
N ALA B 256 -7.58 -8.15 -16.20
CA ALA B 256 -8.12 -7.13 -15.31
C ALA B 256 -7.45 -5.77 -15.52
N ARG B 257 -6.15 -5.78 -15.82
CA ARG B 257 -5.43 -4.53 -16.09
C ARG B 257 -5.93 -3.90 -17.39
N ARG B 258 -6.12 -4.72 -18.42
CA ARG B 258 -6.61 -4.22 -19.71
C ARG B 258 -8.01 -3.63 -19.59
N MET B 259 -8.89 -4.32 -18.87
CA MET B 259 -10.25 -3.83 -18.67
C MET B 259 -10.30 -2.42 -18.10
N ALA B 260 -9.48 -2.17 -17.09
CA ALA B 260 -9.46 -0.88 -16.44
C ALA B 260 -8.91 0.16 -17.39
N THR B 261 -7.84 -0.19 -18.10
CA THR B 261 -7.13 0.76 -18.95
C THR B 261 -7.75 0.88 -20.35
N GLU B 262 -8.36 -0.19 -20.86
CA GLU B 262 -8.91 -0.18 -22.22
C GLU B 262 -10.43 -0.08 -22.31
N GLU B 263 -11.14 -0.32 -21.22
CA GLU B 263 -12.62 -0.20 -21.19
C GLU B 263 -13.15 0.72 -20.09
N GLY B 264 -12.27 1.23 -19.23
CA GLY B 264 -12.69 2.05 -18.10
C GLY B 264 -13.50 1.27 -17.07
N LEU B 265 -13.29 -0.04 -17.01
CA LEU B 265 -13.97 -0.95 -16.08
C LEU B 265 -12.99 -1.53 -15.04
N LEU B 266 -13.05 -1.01 -13.81
CA LEU B 266 -12.08 -1.42 -12.77
C LEU B 266 -12.66 -2.50 -11.86
N PHE B 267 -12.04 -3.68 -11.88
CA PHE B 267 -12.49 -4.87 -11.12
C PHE B 267 -11.32 -5.77 -10.71
N GLY B 268 -11.64 -6.88 -10.04
CA GLY B 268 -10.63 -7.75 -9.43
C GLY B 268 -10.21 -8.95 -10.26
N ILE B 269 -9.42 -9.82 -9.64
CA ILE B 269 -8.86 -11.01 -10.29
C ILE B 269 -9.93 -11.93 -10.88
N SER B 270 -10.99 -12.23 -10.13
CA SER B 270 -12.03 -13.17 -10.62
C SER B 270 -12.81 -12.59 -11.82
N SER B 271 -13.07 -11.29 -11.81
CA SER B 271 -13.64 -10.60 -12.96
C SER B 271 -12.74 -10.74 -14.20
N GLY B 272 -11.44 -10.60 -13.99
CA GLY B 272 -10.46 -10.79 -15.04
C GLY B 272 -10.55 -12.19 -15.60
N ALA B 273 -10.61 -13.16 -14.71
CA ALA B 273 -10.65 -14.58 -15.10
C ALA B 273 -11.93 -14.92 -15.86
N ALA B 274 -13.06 -14.39 -15.40
CA ALA B 274 -14.34 -14.55 -16.12
C ALA B 274 -14.21 -14.00 -17.54
N VAL B 275 -13.72 -12.78 -17.66
CA VAL B 275 -13.58 -12.18 -18.98
C VAL B 275 -12.59 -12.96 -19.84
N TRP B 276 -11.52 -13.48 -19.23
CA TRP B 276 -10.56 -14.31 -19.98
C TRP B 276 -11.23 -15.55 -20.54
N ALA B 277 -12.06 -16.19 -19.73
CA ALA B 277 -12.82 -17.37 -20.15
C ALA B 277 -13.77 -17.00 -21.29
N ALA B 278 -14.47 -15.88 -21.10
CA ALA B 278 -15.42 -15.40 -22.10
C ALA B 278 -14.72 -15.09 -23.42
N ARG B 279 -13.52 -14.54 -23.35
CA ARG B 279 -12.76 -14.23 -24.57
C ARG B 279 -12.32 -15.51 -25.29
N GLU B 280 -11.99 -16.53 -24.52
CA GLU B 280 -11.60 -17.80 -25.11
C GLU B 280 -12.80 -18.39 -25.86
N LEU B 281 -13.92 -18.50 -25.15
CA LEU B 281 -15.21 -18.89 -25.75
C LEU B 281 -15.52 -18.07 -27.00
N ALA B 282 -15.28 -16.76 -26.92
CA ALA B 282 -15.61 -15.84 -28.01
C ALA B 282 -14.84 -16.13 -29.31
N HIS B 283 -13.69 -16.81 -29.19
CA HIS B 283 -12.85 -17.10 -30.35
C HIS B 283 -13.03 -18.50 -30.95
N ARG B 284 -13.65 -19.40 -30.19
CA ARG B 284 -13.99 -20.70 -30.74
C ARG B 284 -14.91 -20.48 -31.94
N PRO B 285 -14.58 -21.08 -33.10
CA PRO B 285 -15.32 -20.81 -34.33
C PRO B 285 -16.79 -21.26 -34.31
N GLU B 286 -17.08 -22.32 -33.54
CA GLU B 286 -18.47 -22.79 -33.39
C GLU B 286 -19.34 -21.82 -32.60
N ASN B 287 -18.74 -20.81 -31.97
CA ASN B 287 -19.49 -19.76 -31.28
C ASN B 287 -19.57 -18.47 -32.06
N ALA B 288 -19.16 -18.48 -33.33
CA ALA B 288 -19.22 -17.26 -34.13
C ALA B 288 -20.61 -16.65 -34.07
N GLY B 289 -20.68 -15.34 -33.83
CA GLY B 289 -21.96 -14.61 -33.82
C GLY B 289 -22.84 -14.82 -32.60
N LYS B 290 -22.38 -15.61 -31.64
CA LYS B 290 -23.14 -15.83 -30.42
C LYS B 290 -23.05 -14.62 -29.50
N LEU B 291 -23.99 -14.54 -28.56
CA LEU B 291 -23.97 -13.50 -27.56
C LEU B 291 -23.55 -14.12 -26.24
N ILE B 292 -22.44 -13.62 -25.69
CA ILE B 292 -21.90 -14.13 -24.44
C ILE B 292 -22.02 -13.10 -23.34
N VAL B 293 -22.54 -13.53 -22.20
CA VAL B 293 -22.72 -12.64 -21.05
C VAL B 293 -21.79 -13.07 -19.90
N VAL B 294 -21.07 -12.11 -19.31
CA VAL B 294 -20.35 -12.31 -18.05
C VAL B 294 -20.89 -11.32 -17.02
N VAL B 295 -20.66 -11.62 -15.75
CA VAL B 295 -21.05 -10.70 -14.67
C VAL B 295 -19.83 -10.03 -14.08
N LEU B 296 -19.94 -8.73 -13.82
CA LEU B 296 -18.93 -8.00 -13.07
C LEU B 296 -19.57 -7.23 -11.90
N PRO B 297 -18.96 -7.27 -10.71
CA PRO B 297 -17.83 -8.13 -10.39
C PRO B 297 -18.29 -9.57 -10.43
N ASP B 298 -17.42 -10.43 -10.91
CA ASP B 298 -17.73 -11.85 -11.05
C ASP B 298 -18.13 -12.47 -9.71
N PHE B 299 -19.06 -13.43 -9.76
CA PHE B 299 -19.59 -14.09 -8.56
C PHE B 299 -18.50 -14.79 -7.72
N GLY B 300 -17.43 -15.24 -8.37
CA GLY B 300 -16.33 -15.98 -7.73
C GLY B 300 -15.32 -15.21 -6.89
N GLU B 301 -15.38 -13.88 -6.93
CA GLU B 301 -14.44 -13.01 -6.21
C GLU B 301 -14.53 -13.20 -4.69
N PRO C 2 -38.38 -4.91 -26.02
CA PRO C 2 -38.91 -6.23 -26.39
C PRO C 2 -39.07 -6.33 -27.92
N GLY C 3 -38.18 -7.10 -28.52
CA GLY C 3 -37.78 -6.90 -29.92
C GLY C 3 -36.47 -6.11 -29.99
N SER C 4 -36.10 -5.47 -28.86
CA SER C 4 -34.92 -4.59 -28.77
C SER C 4 -34.02 -4.96 -27.56
N MET C 5 -32.71 -4.91 -27.76
CA MET C 5 -31.71 -5.08 -26.68
C MET C 5 -31.39 -3.76 -25.98
N THR C 6 -31.01 -3.84 -24.71
CA THR C 6 -30.56 -2.68 -23.95
C THR C 6 -29.12 -2.90 -23.53
N ILE C 7 -28.19 -2.42 -24.36
CA ILE C 7 -26.75 -2.57 -24.11
C ILE C 7 -25.98 -1.28 -24.42
N ALA C 8 -25.30 -0.77 -23.40
CA ALA C 8 -24.44 0.41 -23.55
C ALA C 8 -23.18 0.03 -24.32
N GLU C 9 -22.69 0.95 -25.15
CA GLU C 9 -21.44 0.75 -25.87
C GLU C 9 -20.28 0.72 -24.91
N ASN C 10 -20.34 1.59 -23.90
CA ASN C 10 -19.26 1.73 -22.94
C ASN C 10 -19.75 2.43 -21.71
N ILE C 11 -18.94 2.40 -20.66
CA ILE C 11 -19.38 2.86 -19.36
C ILE C 11 -19.65 4.34 -19.33
N ALA C 12 -19.02 5.10 -20.22
CA ALA C 12 -19.31 6.53 -20.30
C ALA C 12 -20.78 6.79 -20.69
N GLN C 13 -21.42 5.83 -21.37
CA GLN C 13 -22.84 5.95 -21.67
C GLN C 13 -23.75 5.58 -20.53
N LEU C 14 -23.21 5.09 -19.42
CA LEU C 14 -24.02 4.80 -18.24
C LEU C 14 -23.87 5.86 -17.15
N ILE C 15 -23.41 7.04 -17.52
CA ILE C 15 -23.36 8.18 -16.61
C ILE C 15 -24.72 8.86 -16.60
N GLY C 16 -25.20 9.22 -15.42
CA GLY C 16 -26.49 9.89 -15.26
C GLY C 16 -27.62 8.90 -15.08
N GLY C 17 -28.86 9.39 -15.19
CA GLY C 17 -30.03 8.59 -14.90
C GLY C 17 -30.01 8.05 -13.47
N THR C 18 -29.58 8.89 -12.53
CA THR C 18 -29.44 8.50 -11.14
C THR C 18 -30.78 8.58 -10.40
N PRO C 19 -30.99 7.71 -9.40
CA PRO C 19 -32.28 7.59 -8.73
C PRO C 19 -32.47 8.52 -7.52
N LEU C 20 -33.74 8.80 -7.21
CA LEU C 20 -34.11 9.51 -6.01
C LEU C 20 -34.44 8.49 -4.92
N VAL C 21 -34.17 8.85 -3.66
CA VAL C 21 -34.57 8.05 -2.52
C VAL C 21 -35.16 8.99 -1.47
N ARG C 22 -36.16 8.51 -0.72
CA ARG C 22 -36.69 9.28 0.42
C ARG C 22 -35.76 9.21 1.61
N LEU C 23 -35.63 10.32 2.33
CA LEU C 23 -34.98 10.30 3.64
C LEU C 23 -36.07 10.24 4.69
N ARG C 24 -36.37 9.02 5.13
CA ARG C 24 -37.51 8.78 6.00
C ARG C 24 -37.18 9.01 7.47
N ARG C 25 -36.00 8.54 7.89
CA ARG C 25 -35.69 8.45 9.32
C ARG C 25 -34.89 9.63 9.86
N VAL C 26 -33.86 10.08 9.13
CA VAL C 26 -33.04 11.20 9.62
C VAL C 26 -33.75 12.56 9.66
N THR C 27 -34.96 12.66 9.11
CA THR C 27 -35.71 13.94 9.09
C THR C 27 -36.64 14.17 10.30
N ASP C 28 -36.74 13.20 11.20
CA ASP C 28 -37.36 13.42 12.53
C ASP C 28 -38.55 14.36 12.51
N GLY C 29 -39.57 14.03 11.74
CA GLY C 29 -40.71 14.95 11.62
C GLY C 29 -41.66 14.36 10.60
N ALA C 30 -41.90 15.02 9.48
CA ALA C 30 -41.54 16.41 9.22
C ALA C 30 -42.56 16.84 8.18
N ALA C 31 -43.04 18.08 8.28
CA ALA C 31 -44.14 18.55 7.45
C ALA C 31 -43.87 18.39 5.95
N ALA C 32 -42.60 18.52 5.58
CA ALA C 32 -42.17 18.41 4.19
C ALA C 32 -41.55 17.05 3.94
N ASP C 33 -41.53 16.65 2.67
CA ASP C 33 -40.81 15.48 2.23
C ASP C 33 -39.42 15.90 1.78
N VAL C 34 -38.42 15.12 2.15
CA VAL C 34 -37.07 15.32 1.66
C VAL C 34 -36.63 14.08 0.91
N VAL C 35 -36.05 14.29 -0.27
CA VAL C 35 -35.50 13.20 -1.04
C VAL C 35 -34.09 13.56 -1.48
N ALA C 36 -33.31 12.52 -1.77
CA ALA C 36 -31.94 12.70 -2.20
C ALA C 36 -31.74 12.03 -3.54
N LYS C 37 -30.99 12.71 -4.41
CA LYS C 37 -30.62 12.19 -5.71
C LYS C 37 -29.22 11.60 -5.54
N LEU C 38 -29.12 10.30 -5.78
CA LEU C 38 -27.90 9.57 -5.51
C LEU C 38 -26.95 9.55 -6.72
N GLU C 39 -26.17 10.62 -6.84
CA GLU C 39 -25.12 10.72 -7.86
C GLU C 39 -24.03 9.67 -7.67
N SER C 40 -24.09 8.96 -6.56
CA SER C 40 -23.18 7.87 -6.23
C SER C 40 -23.39 6.65 -7.10
N PHE C 41 -24.57 6.55 -7.72
CA PHE C 41 -24.82 5.48 -8.68
C PHE C 41 -24.10 5.68 -10.03
N ASN C 42 -23.54 6.87 -10.23
CA ASN C 42 -22.67 7.08 -11.37
C ASN C 42 -21.47 6.15 -11.29
N PRO C 43 -20.97 5.72 -12.44
CA PRO C 43 -19.84 4.79 -12.48
C PRO C 43 -18.67 5.19 -11.56
N ALA C 44 -18.30 6.47 -11.54
CA ALA C 44 -17.19 6.94 -10.70
C ALA C 44 -17.65 7.57 -9.39
N GLY C 45 -18.95 7.54 -9.10
CA GLY C 45 -19.44 7.80 -7.74
C GLY C 45 -19.84 9.22 -7.39
N SER C 46 -19.83 10.12 -8.36
CA SER C 46 -20.24 11.50 -8.12
C SER C 46 -20.75 12.20 -9.38
N ILE C 47 -21.31 13.39 -9.17
CA ILE C 47 -21.77 14.25 -10.24
C ILE C 47 -20.65 14.65 -11.21
N LYS C 48 -19.41 14.57 -10.76
CA LYS C 48 -18.27 14.93 -11.60
C LYS C 48 -18.19 14.07 -12.86
N ASP C 49 -18.68 12.82 -12.78
CA ASP C 49 -18.84 11.98 -13.97
C ASP C 49 -19.51 12.73 -15.11
N ARG C 50 -20.59 13.44 -14.81
CA ARG C 50 -21.35 14.17 -15.82
C ARG C 50 -20.52 15.29 -16.44
N ILE C 51 -19.78 16.00 -15.60
CA ILE C 51 -18.95 17.12 -16.05
C ILE C 51 -17.86 16.62 -17.01
N GLY C 52 -17.23 15.50 -16.67
CA GLY C 52 -16.20 14.92 -17.51
C GLY C 52 -16.67 14.54 -18.90
N VAL C 53 -17.70 13.71 -18.95
CA VAL C 53 -18.20 13.24 -20.23
C VAL C 53 -18.76 14.39 -21.06
N ALA C 54 -19.37 15.37 -20.41
CA ALA C 54 -19.92 16.53 -21.12
C ALA C 54 -18.80 17.33 -21.76
N MET C 55 -17.67 17.49 -21.05
CA MET C 55 -16.49 18.18 -21.62
C MET C 55 -15.99 17.44 -22.86
N ILE C 56 -15.90 16.13 -22.81
CA ILE C 56 -15.37 15.38 -23.94
C ILE C 56 -16.32 15.40 -25.14
N ASP C 57 -17.62 15.25 -24.90
CA ASP C 57 -18.62 15.33 -25.98
C ASP C 57 -18.53 16.68 -26.68
N ALA C 58 -18.49 17.76 -25.89
CA ALA C 58 -18.46 19.10 -26.45
C ALA C 58 -17.21 19.28 -27.31
N ALA C 59 -16.07 18.83 -26.78
CA ALA C 59 -14.79 18.97 -27.48
C ALA C 59 -14.74 18.12 -28.76
N GLU C 60 -15.40 16.97 -28.74
CA GLU C 60 -15.58 16.18 -29.95
C GLU C 60 -16.48 16.91 -30.94
N LYS C 61 -17.67 17.32 -30.49
CA LYS C 61 -18.60 18.04 -31.38
C LYS C 61 -17.93 19.26 -32.00
N ALA C 62 -17.02 19.89 -31.26
CA ALA C 62 -16.30 21.09 -31.74
C ALA C 62 -15.07 20.78 -32.61
N GLY C 63 -14.75 19.50 -32.79
CA GLY C 63 -13.53 19.12 -33.53
C GLY C 63 -12.22 19.39 -32.80
N LEU C 64 -12.29 19.80 -31.54
CA LEU C 64 -11.09 20.06 -30.75
C LEU C 64 -10.43 18.77 -30.23
N ILE C 65 -11.18 17.68 -30.14
CA ILE C 65 -10.61 16.37 -29.81
C ILE C 65 -10.65 15.51 -31.05
N LYS C 66 -9.47 15.20 -31.55
CA LYS C 66 -9.29 14.31 -32.68
C LYS C 66 -9.09 12.90 -32.12
N PRO C 67 -9.06 11.86 -32.98
CA PRO C 67 -8.98 10.50 -32.43
C PRO C 67 -7.64 10.13 -31.79
N ASP C 68 -6.58 10.85 -32.14
CA ASP C 68 -5.25 10.61 -31.57
C ASP C 68 -4.93 11.60 -30.44
N THR C 69 -5.97 12.25 -29.91
CA THR C 69 -5.80 13.31 -28.93
C THR C 69 -5.41 12.72 -27.58
N ILE C 70 -4.55 13.43 -26.87
CA ILE C 70 -4.18 13.10 -25.50
C ILE C 70 -4.82 14.13 -24.58
N ILE C 71 -5.78 13.69 -23.76
CA ILE C 71 -6.44 14.59 -22.82
C ILE C 71 -5.42 14.95 -21.74
N LEU C 72 -5.26 16.24 -21.47
CA LEU C 72 -4.32 16.72 -20.45
C LEU C 72 -5.05 17.70 -19.55
N GLU C 73 -5.03 17.46 -18.25
CA GLU C 73 -5.86 18.25 -17.35
C GLU C 73 -5.23 18.42 -15.99
N PRO C 74 -5.06 19.67 -15.55
CA PRO C 74 -4.65 19.87 -14.17
C PRO C 74 -5.82 19.53 -13.28
N THR C 75 -5.61 18.77 -12.21
CA THR C 75 -6.74 18.37 -11.38
C THR C 75 -6.37 18.20 -9.92
N SER C 76 -7.37 18.35 -9.05
CA SER C 76 -7.15 18.14 -7.61
C SER C 76 -8.11 17.19 -6.87
N GLY C 77 -8.95 16.49 -7.59
CA GLY C 77 -10.19 15.96 -7.02
C GLY C 77 -10.85 14.98 -7.96
N ASN C 78 -12.15 14.82 -7.88
CA ASN C 78 -12.78 13.66 -8.50
C ASN C 78 -12.98 13.86 -9.97
N THR C 79 -13.05 15.11 -10.38
CA THR C 79 -12.98 15.46 -11.79
C THR C 79 -11.94 14.58 -12.50
N GLY C 80 -10.75 14.48 -11.89
CA GLY C 80 -9.69 13.58 -12.35
C GLY C 80 -10.10 12.13 -12.54
N ILE C 81 -10.75 11.54 -11.54
CA ILE C 81 -11.19 10.14 -11.66
C ILE C 81 -12.14 10.01 -12.84
N ALA C 82 -13.14 10.88 -12.90
CA ALA C 82 -14.12 10.82 -13.99
C ALA C 82 -13.42 10.86 -15.34
N LEU C 83 -12.54 11.83 -15.51
CA LEU C 83 -11.80 11.99 -16.77
C LEU C 83 -11.01 10.74 -17.15
N ALA C 84 -10.30 10.15 -16.19
CA ALA C 84 -9.47 9.01 -16.48
C ALA C 84 -10.35 7.88 -16.94
N MET C 85 -11.43 7.68 -16.20
CA MET C 85 -12.36 6.61 -16.56
C MET C 85 -12.97 6.81 -17.95
N VAL C 86 -13.48 8.01 -18.22
CA VAL C 86 -14.08 8.30 -19.52
C VAL C 86 -13.04 8.26 -20.65
N SER C 87 -11.84 8.75 -20.36
CA SER C 87 -10.76 8.73 -21.34
C SER C 87 -10.43 7.32 -21.75
N ALA C 88 -10.24 6.46 -20.75
CA ALA C 88 -9.98 5.03 -21.00
C ALA C 88 -11.13 4.37 -21.76
N ALA C 89 -12.37 4.71 -21.39
CA ALA C 89 -13.54 4.15 -22.06
C ALA C 89 -13.52 4.49 -23.55
N ARG C 90 -13.29 5.77 -23.83
CA ARG C 90 -13.41 6.27 -25.20
C ARG C 90 -12.17 6.07 -26.05
N GLY C 91 -11.09 5.60 -25.45
CA GLY C 91 -9.88 5.31 -26.20
C GLY C 91 -8.89 6.44 -26.25
N TYR C 92 -9.02 7.41 -25.34
CA TYR C 92 -8.06 8.51 -25.26
C TYR C 92 -6.98 8.28 -24.19
N LYS C 93 -5.73 8.48 -24.58
CA LYS C 93 -4.65 8.62 -23.61
C LYS C 93 -4.92 9.82 -22.71
N CYS C 94 -4.63 9.67 -21.42
CA CYS C 94 -4.95 10.67 -20.43
C CYS C 94 -3.75 10.99 -19.55
N VAL C 95 -3.34 12.25 -19.58
CA VAL C 95 -2.30 12.77 -18.71
C VAL C 95 -2.93 13.80 -17.78
N LEU C 96 -2.51 13.74 -16.53
CA LEU C 96 -3.09 14.53 -15.46
C LEU C 96 -1.98 15.18 -14.64
N THR C 97 -2.09 16.49 -14.43
CA THR C 97 -1.13 17.20 -13.60
C THR C 97 -1.81 17.58 -12.32
N MET C 98 -1.05 17.48 -11.23
CA MET C 98 -1.59 17.66 -9.90
C MET C 98 -0.44 17.97 -8.94
N PRO C 99 -0.72 18.75 -7.89
CA PRO C 99 0.28 18.99 -6.86
C PRO C 99 0.62 17.70 -6.09
N ASP C 100 1.84 17.60 -5.57
CA ASP C 100 2.25 16.40 -4.80
C ASP C 100 1.54 16.29 -3.45
N THR C 101 0.61 17.21 -3.21
CA THR C 101 -0.35 17.14 -2.10
C THR C 101 -1.41 16.03 -2.20
N MET C 102 -1.50 15.39 -3.36
CA MET C 102 -2.52 14.39 -3.64
C MET C 102 -2.26 13.08 -2.89
N SER C 103 -3.29 12.52 -2.26
CA SER C 103 -3.16 11.27 -1.51
C SER C 103 -2.66 10.16 -2.41
N ILE C 104 -1.93 9.19 -1.85
CA ILE C 104 -1.37 8.13 -2.69
C ILE C 104 -2.52 7.19 -3.13
N GLU C 105 -3.64 7.20 -2.40
CA GLU C 105 -4.85 6.48 -2.79
C GLU C 105 -5.44 7.03 -4.10
N ARG C 106 -5.66 8.33 -4.15
CA ARG C 106 -6.16 8.95 -5.38
C ARG C 106 -5.25 8.62 -6.55
N ARG C 107 -3.94 8.72 -6.33
CA ARG C 107 -2.97 8.48 -7.40
C ARG C 107 -3.11 7.09 -7.95
N MET C 108 -3.24 6.12 -7.06
CA MET C 108 -3.28 4.72 -7.43
C MET C 108 -4.50 4.45 -8.28
N LEU C 109 -5.61 5.08 -7.89
CA LEU C 109 -6.86 4.90 -8.59
C LEU C 109 -6.79 5.46 -10.00
N LEU C 110 -6.27 6.67 -10.12
CA LEU C 110 -6.06 7.29 -11.43
C LEU C 110 -5.16 6.44 -12.33
N ARG C 111 -4.08 5.91 -11.74
CA ARG C 111 -3.13 5.07 -12.49
C ARG C 111 -3.78 3.76 -12.89
N ALA C 112 -4.72 3.29 -12.08
CA ALA C 112 -5.50 2.10 -12.40
C ALA C 112 -6.30 2.29 -13.70
N TYR C 113 -6.73 3.52 -13.94
CA TYR C 113 -7.48 3.84 -15.17
C TYR C 113 -6.56 4.15 -16.35
N GLY C 114 -5.26 4.02 -16.13
CA GLY C 114 -4.30 4.25 -17.19
C GLY C 114 -3.87 5.69 -17.32
N ALA C 115 -4.25 6.53 -16.37
CA ALA C 115 -3.82 7.93 -16.41
C ALA C 115 -2.35 8.02 -16.03
N GLU C 116 -1.63 8.90 -16.72
CA GLU C 116 -0.26 9.23 -16.33
C GLU C 116 -0.28 10.49 -15.51
N LEU C 117 0.42 10.45 -14.37
CA LEU C 117 0.38 11.55 -13.43
C LEU C 117 1.68 12.32 -13.53
N VAL C 118 1.57 13.64 -13.59
CA VAL C 118 2.74 14.49 -13.54
C VAL C 118 2.57 15.37 -12.32
N LEU C 119 3.45 15.18 -11.35
CA LEU C 119 3.31 15.82 -10.04
C LEU C 119 3.97 17.19 -10.00
N THR C 120 3.19 18.16 -9.52
CA THR C 120 3.61 19.53 -9.28
C THR C 120 4.08 19.64 -7.85
N PRO C 121 4.89 20.66 -7.53
CA PRO C 121 5.20 20.90 -6.11
C PRO C 121 4.00 21.37 -5.29
N GLY C 122 3.86 20.84 -4.09
CA GLY C 122 2.75 21.16 -3.19
C GLY C 122 2.59 22.66 -2.93
N ALA C 123 3.71 23.33 -2.71
CA ALA C 123 3.73 24.77 -2.42
C ALA C 123 3.02 25.58 -3.51
N GLU C 124 3.25 25.21 -4.77
CA GLU C 124 2.69 25.93 -5.90
C GLU C 124 1.19 25.67 -6.10
N GLY C 125 0.66 24.64 -5.44
CA GLY C 125 -0.76 24.34 -5.49
C GLY C 125 -1.25 24.03 -6.89
N MET C 126 -2.48 24.45 -7.19
CA MET C 126 -3.10 24.23 -8.50
C MET C 126 -2.50 25.09 -9.62
N ALA C 127 -2.06 26.29 -9.28
CA ALA C 127 -1.36 27.16 -10.22
C ALA C 127 -0.17 26.44 -10.86
N GLY C 128 0.56 25.71 -10.02
CA GLY C 128 1.67 24.88 -10.47
C GLY C 128 1.21 23.81 -11.44
N ALA C 129 0.09 23.15 -11.10
CA ALA C 129 -0.49 22.13 -11.97
C ALA C 129 -1.01 22.72 -13.28
N ILE C 130 -1.70 23.86 -13.20
CA ILE C 130 -2.16 24.54 -14.40
C ILE C 130 -0.97 24.96 -15.28
N ALA C 131 0.13 25.37 -14.65
CA ALA C 131 1.33 25.81 -15.39
C ALA C 131 2.06 24.66 -16.10
N LYS C 132 2.27 23.55 -15.39
CA LYS C 132 2.89 22.35 -15.99
C LYS C 132 2.09 21.87 -17.21
N ALA C 133 0.77 21.94 -17.10
CA ALA C 133 -0.10 21.51 -18.19
C ALA C 133 0.06 22.39 -19.44
N GLU C 134 0.17 23.71 -19.21
CA GLU C 134 0.40 24.65 -20.32
C GLU C 134 1.74 24.37 -20.99
N GLU C 135 2.75 24.14 -20.17
CA GLU C 135 4.09 23.87 -20.67
C GLU C 135 4.10 22.63 -21.55
N LEU C 136 3.48 21.57 -21.05
CA LEU C 136 3.44 20.31 -21.76
C LEU C 136 2.69 20.40 -23.07
N ALA C 137 1.59 21.14 -23.08
CA ALA C 137 0.78 21.31 -24.29
C ALA C 137 1.62 21.88 -25.42
N LYS C 138 2.46 22.86 -25.11
CA LYS C 138 3.45 23.37 -26.06
C LYS C 138 4.36 22.23 -26.57
N THR C 139 4.62 21.23 -25.73
CA THR C 139 5.51 20.12 -26.09
C THR C 139 5.04 19.30 -27.28
N ASP C 140 3.73 19.17 -27.43
CA ASP C 140 3.16 18.21 -28.36
C ASP C 140 1.72 18.61 -28.60
N ASP C 141 1.36 18.83 -29.87
CA ASP C 141 0.05 19.41 -30.19
C ASP C 141 -1.09 18.38 -30.27
N ARG C 142 -0.79 17.13 -29.95
CA ARG C 142 -1.84 16.14 -29.67
C ARG C 142 -2.53 16.43 -28.33
N TYR C 143 -1.88 17.19 -27.44
CA TYR C 143 -2.47 17.52 -26.15
C TYR C 143 -3.64 18.48 -26.27
N PHE C 144 -4.75 18.11 -25.62
CA PHE C 144 -5.89 19.01 -25.46
C PHE C 144 -6.20 19.17 -23.97
N ILE C 145 -6.38 20.41 -23.54
CA ILE C 145 -6.70 20.71 -22.15
C ILE C 145 -8.15 21.12 -22.00
N PRO C 146 -8.97 20.25 -21.35
CA PRO C 146 -10.37 20.61 -21.27
C PRO C 146 -10.62 21.91 -20.52
N ASN C 154 -26.80 28.96 -21.52
CA ASN C 154 -25.71 29.28 -20.61
C ASN C 154 -25.64 28.37 -19.38
N PRO C 155 -26.76 27.68 -19.02
CA PRO C 155 -26.53 26.62 -18.06
C PRO C 155 -25.83 25.49 -18.79
N ALA C 156 -24.93 24.81 -18.10
CA ALA C 156 -24.13 23.78 -18.72
C ALA C 156 -24.99 22.56 -19.00
N VAL C 157 -24.64 21.85 -20.06
CA VAL C 157 -25.38 20.67 -20.49
C VAL C 157 -25.59 19.67 -19.35
N HIS C 158 -24.54 19.40 -18.58
CA HIS C 158 -24.63 18.45 -17.47
C HIS C 158 -25.56 18.94 -16.36
N ALA C 159 -25.65 20.26 -16.20
CA ALA C 159 -26.59 20.84 -15.25
C ALA C 159 -28.01 20.76 -15.80
N VAL C 160 -28.17 20.92 -17.11
CA VAL C 160 -29.49 20.80 -17.74
C VAL C 160 -30.02 19.38 -17.55
N THR C 161 -29.24 18.39 -17.97
CA THR C 161 -29.61 16.98 -17.81
C THR C 161 -29.98 16.67 -16.37
N THR C 162 -29.13 17.06 -15.42
CA THR C 162 -29.41 16.79 -14.02
C THR C 162 -30.76 17.39 -13.64
N ALA C 163 -31.03 18.61 -14.11
CA ALA C 163 -32.30 19.26 -13.84
C ALA C 163 -33.45 18.48 -14.45
N GLU C 164 -33.30 18.02 -15.68
CA GLU C 164 -34.37 17.30 -16.36
C GLU C 164 -34.73 16.02 -15.62
N GLU C 165 -33.73 15.33 -15.10
CA GLU C 165 -33.95 14.12 -14.33
C GLU C 165 -34.71 14.43 -13.04
N VAL C 166 -34.33 15.51 -12.38
CA VAL C 166 -35.02 15.92 -11.17
C VAL C 166 -36.46 16.27 -11.51
N TRP C 167 -36.63 16.92 -12.65
CA TRP C 167 -37.93 17.34 -13.10
C TRP C 167 -38.83 16.14 -13.42
N ARG C 168 -38.32 15.23 -14.24
CA ARG C 168 -39.04 13.99 -14.59
C ARG C 168 -39.44 13.19 -13.35
N ASP C 169 -38.46 12.88 -12.51
CA ASP C 169 -38.65 11.97 -11.39
C ASP C 169 -39.51 12.54 -10.25
N THR C 170 -39.59 13.86 -10.15
CA THR C 170 -40.49 14.49 -9.19
C THR C 170 -41.81 14.89 -9.83
N ASP C 171 -41.98 14.51 -11.08
CA ASP C 171 -43.19 14.83 -11.85
C ASP C 171 -43.52 16.32 -11.80
N GLY C 172 -42.48 17.15 -11.89
CA GLY C 172 -42.64 18.61 -11.91
C GLY C 172 -43.02 19.26 -10.59
N LYS C 173 -42.95 18.50 -9.49
CA LYS C 173 -43.45 18.98 -8.20
C LYS C 173 -42.36 19.42 -7.21
N VAL C 174 -41.10 19.39 -7.62
CA VAL C 174 -40.00 19.85 -6.74
C VAL C 174 -40.21 21.31 -6.32
N ASP C 175 -40.08 21.57 -5.02
CA ASP C 175 -40.34 22.91 -4.47
C ASP C 175 -39.07 23.57 -3.95
N ILE C 176 -38.17 22.80 -3.34
CA ILE C 176 -36.89 23.33 -2.92
C ILE C 176 -35.77 22.39 -3.33
N PHE C 177 -34.78 22.96 -4.00
CA PHE C 177 -33.56 22.27 -4.34
C PHE C 177 -32.50 22.78 -3.38
N VAL C 178 -31.77 21.87 -2.75
CA VAL C 178 -30.84 22.22 -1.67
C VAL C 178 -29.48 21.61 -1.93
N SER C 179 -28.46 22.45 -2.09
CA SER C 179 -27.16 21.94 -2.51
C SER C 179 -25.95 22.80 -2.18
N GLY C 180 -24.81 22.12 -2.06
CA GLY C 180 -23.54 22.78 -1.95
C GLY C 180 -23.21 23.45 -3.27
N VAL C 181 -22.47 24.55 -3.19
CA VAL C 181 -22.14 25.37 -4.34
C VAL C 181 -21.11 24.67 -5.20
N GLY C 182 -20.09 24.10 -4.55
CA GLY C 182 -18.98 23.48 -5.26
C GLY C 182 -18.29 24.46 -6.21
N THR C 183 -17.82 23.99 -7.36
CA THR C 183 -17.06 24.82 -8.29
C THR C 183 -17.68 24.90 -9.67
N GLY C 184 -18.05 23.75 -10.24
CA GLY C 184 -18.54 23.69 -11.63
C GLY C 184 -19.94 24.22 -11.96
N GLY C 185 -20.28 25.41 -11.47
CA GLY C 185 -21.58 26.07 -11.77
C GLY C 185 -22.78 25.14 -11.91
N THR C 186 -22.76 24.05 -11.16
CA THR C 186 -23.76 22.98 -11.33
C THR C 186 -25.06 23.36 -10.66
N ILE C 187 -24.96 23.78 -9.40
CA ILE C 187 -26.14 24.16 -8.65
C ILE C 187 -26.85 25.30 -9.34
N THR C 188 -26.07 26.30 -9.76
CA THR C 188 -26.66 27.48 -10.37
C THR C 188 -27.36 27.12 -11.68
N GLY C 189 -26.77 26.18 -12.43
CA GLY C 189 -27.39 25.69 -13.66
C GLY C 189 -28.72 25.00 -13.42
N VAL C 190 -28.74 24.08 -12.45
CA VAL C 190 -29.98 23.38 -12.11
C VAL C 190 -31.02 24.39 -11.63
N ALA C 191 -30.57 25.39 -10.89
CA ALA C 191 -31.47 26.42 -10.39
C ALA C 191 -32.12 27.19 -11.51
N GLN C 192 -31.31 27.63 -12.47
CA GLN C 192 -31.82 28.35 -13.64
C GLN C 192 -32.98 27.58 -14.28
N VAL C 193 -32.77 26.30 -14.55
CA VAL C 193 -33.72 25.49 -15.30
C VAL C 193 -35.01 25.21 -14.52
N ILE C 194 -34.87 24.82 -13.26
CA ILE C 194 -36.04 24.54 -12.45
C ILE C 194 -36.86 25.80 -12.22
N LYS C 195 -36.22 26.87 -11.77
CA LYS C 195 -36.90 28.13 -11.49
C LYS C 195 -37.56 28.71 -12.75
N GLN C 196 -36.97 28.46 -13.91
CA GLN C 196 -37.57 28.94 -15.17
C GLN C 196 -38.94 28.29 -15.45
N ARG C 197 -39.11 27.00 -15.14
CA ARG C 197 -40.39 26.28 -15.30
C ARG C 197 -41.28 26.36 -14.09
N ARG C 198 -40.70 26.72 -12.95
CA ARG C 198 -41.42 26.63 -11.71
C ARG C 198 -40.98 27.79 -10.83
N PRO C 199 -41.49 28.99 -11.15
CA PRO C 199 -41.03 30.20 -10.46
C PRO C 199 -41.20 30.11 -8.96
N SER C 200 -42.17 29.32 -8.51
CA SER C 200 -42.40 29.14 -7.08
CA SER C 200 -42.42 29.08 -7.10
C SER C 200 -41.29 28.32 -6.41
N ALA C 201 -40.53 27.55 -7.19
CA ALA C 201 -39.44 26.73 -6.63
C ALA C 201 -38.34 27.58 -6.02
N GLN C 202 -37.68 27.04 -4.99
CA GLN C 202 -36.65 27.75 -4.26
C GLN C 202 -35.33 27.01 -4.35
N PHE C 203 -34.23 27.77 -4.39
CA PHE C 203 -32.92 27.19 -4.36
C PHE C 203 -32.12 27.72 -3.18
N VAL C 204 -31.56 26.78 -2.40
CA VAL C 204 -30.85 27.10 -1.18
C VAL C 204 -29.44 26.53 -1.25
N ALA C 205 -28.43 27.41 -1.18
CA ALA C 205 -27.05 26.98 -1.16
C ALA C 205 -26.60 26.66 0.28
N VAL C 206 -25.69 25.70 0.41
CA VAL C 206 -25.23 25.21 1.72
C VAL C 206 -23.73 25.42 1.82
N GLU C 207 -23.29 26.06 2.91
CA GLU C 207 -21.87 26.35 3.13
C GLU C 207 -21.39 25.85 4.49
N PRO C 208 -20.13 25.36 4.57
CA PRO C 208 -19.58 24.94 5.87
C PRO C 208 -19.62 26.05 6.93
N PRO C 234 -17.03 31.41 -6.64
CA PRO C 234 -18.01 31.14 -7.69
C PRO C 234 -19.27 32.01 -7.53
N VAL C 235 -19.39 33.04 -8.36
CA VAL C 235 -20.44 34.04 -8.19
C VAL C 235 -21.80 33.36 -8.11
N LEU C 236 -22.47 33.57 -6.98
CA LEU C 236 -23.79 33.02 -6.74
C LEU C 236 -24.79 34.16 -6.91
N ASP C 237 -25.49 34.16 -8.04
CA ASP C 237 -26.46 35.20 -8.36
C ASP C 237 -27.65 35.04 -7.42
N LEU C 238 -28.04 36.11 -6.73
CA LEU C 238 -29.13 35.98 -5.78
C LEU C 238 -30.52 36.04 -6.45
N ALA C 239 -30.56 36.33 -7.74
CA ALA C 239 -31.78 36.18 -8.49
C ALA C 239 -32.15 34.70 -8.49
N LEU C 240 -31.13 33.85 -8.59
CA LEU C 240 -31.28 32.40 -8.45
C LEU C 240 -31.41 31.92 -7.01
N VAL C 241 -30.50 32.36 -6.15
CA VAL C 241 -30.37 31.77 -4.83
C VAL C 241 -31.27 32.45 -3.82
N ASP C 242 -32.14 31.68 -3.18
CA ASP C 242 -33.13 32.25 -2.28
C ASP C 242 -32.65 32.35 -0.84
N GLU C 243 -31.65 31.55 -0.50
CA GLU C 243 -31.12 31.56 0.85
C GLU C 243 -29.77 30.88 0.84
N VAL C 244 -28.97 31.18 1.85
CA VAL C 244 -27.79 30.39 2.13
C VAL C 244 -27.86 29.94 3.57
N ILE C 245 -27.67 28.64 3.78
CA ILE C 245 -27.56 28.09 5.11
C ILE C 245 -26.11 27.70 5.31
N THR C 246 -25.51 28.29 6.35
CA THR C 246 -24.19 27.92 6.82
C THR C 246 -24.40 26.71 7.71
N VAL C 247 -23.96 25.54 7.25
CA VAL C 247 -24.18 24.31 7.99
C VAL C 247 -23.18 24.31 9.11
N GLY C 248 -23.68 24.44 10.34
CA GLY C 248 -22.85 24.38 11.52
C GLY C 248 -21.97 23.16 11.39
N ASN C 249 -20.83 23.33 10.72
CA ASN C 249 -19.97 22.22 10.37
C ASN C 249 -19.88 21.29 11.56
N ASP C 250 -20.17 20.02 11.31
CA ASP C 250 -20.00 18.97 12.31
C ASP C 250 -21.25 18.76 13.19
N ASP C 251 -22.26 19.63 13.04
CA ASP C 251 -23.67 19.17 13.04
C ASP C 251 -23.79 18.27 11.80
N ALA C 252 -22.99 18.58 10.78
CA ALA C 252 -22.85 17.77 9.56
C ALA C 252 -22.32 16.35 9.79
N LEU C 253 -21.32 16.20 10.64
CA LEU C 253 -20.74 14.89 10.92
C LEU C 253 -21.79 14.02 11.61
N GLU C 254 -22.51 14.61 12.56
CA GLU C 254 -23.59 13.91 13.26
C GLU C 254 -24.62 13.40 12.27
N LEU C 255 -25.02 14.24 11.32
CA LEU C 255 -26.07 13.87 10.39
C LEU C 255 -25.57 12.84 9.42
N ALA C 256 -24.32 12.99 8.98
CA ALA C 256 -23.68 11.96 8.16
C ALA C 256 -23.66 10.61 8.86
N ARG C 257 -23.36 10.60 10.15
CA ARG C 257 -23.35 9.37 10.92
C ARG C 257 -24.73 8.73 10.90
N ARG C 258 -25.76 9.54 11.18
CA ARG C 258 -27.14 9.03 11.20
C ARG C 258 -27.55 8.46 9.83
N MET C 259 -27.24 9.17 8.76
CA MET C 259 -27.55 8.71 7.41
C MET C 259 -27.01 7.32 7.10
N ALA C 260 -25.75 7.11 7.46
CA ALA C 260 -25.11 5.83 7.26
C ALA C 260 -25.77 4.76 8.13
N THR C 261 -26.04 5.09 9.39
CA THR C 261 -26.56 4.09 10.34
C THR C 261 -28.10 3.94 10.33
N GLU C 262 -28.82 5.01 9.99
CA GLU C 262 -30.29 4.95 9.95
C GLU C 262 -30.93 4.86 8.55
N GLU C 263 -30.18 5.15 7.49
CA GLU C 263 -30.70 5.04 6.11
C GLU C 263 -29.85 4.16 5.20
N GLY C 264 -28.72 3.65 5.70
CA GLY C 264 -27.82 2.86 4.87
C GLY C 264 -27.19 3.66 3.74
N LEU C 265 -27.03 4.96 3.95
CA LEU C 265 -26.48 5.89 2.96
C LEU C 265 -25.18 6.48 3.50
N LEU C 266 -24.05 6.01 2.96
CA LEU C 266 -22.76 6.41 3.46
C LEU C 266 -22.13 7.52 2.61
N PHE C 267 -21.96 8.70 3.20
CA PHE C 267 -21.45 9.89 2.51
C PHE C 267 -20.65 10.79 3.45
N GLY C 268 -20.13 11.91 2.94
CA GLY C 268 -19.20 12.76 3.66
C GLY C 268 -19.83 13.96 4.33
N ILE C 269 -18.97 14.86 4.82
CA ILE C 269 -19.38 16.03 5.59
C ILE C 269 -20.36 16.92 4.83
N SER C 270 -20.06 17.24 3.58
CA SER C 270 -20.94 18.14 2.80
C SER C 270 -22.34 17.56 2.61
N SER C 271 -22.40 16.26 2.34
CA SER C 271 -23.67 15.56 2.22
C SER C 271 -24.45 15.64 3.54
N GLY C 272 -23.74 15.47 4.66
CA GLY C 272 -24.32 15.64 5.97
C GLY C 272 -24.90 17.02 6.14
N ALA C 273 -24.11 18.03 5.76
CA ALA C 273 -24.53 19.44 5.83
C ALA C 273 -25.78 19.71 4.98
N ALA C 274 -25.77 19.21 3.74
CA ALA C 274 -26.88 19.40 2.82
C ALA C 274 -28.14 18.86 3.45
N VAL C 275 -28.06 17.63 3.94
CA VAL C 275 -29.23 17.00 4.56
C VAL C 275 -29.66 17.76 5.81
N TRP C 276 -28.70 18.25 6.59
CA TRP C 276 -29.05 19.08 7.75
C TRP C 276 -29.84 20.31 7.36
N ALA C 277 -29.36 20.99 6.31
CA ALA C 277 -30.06 22.17 5.82
C ALA C 277 -31.47 21.79 5.40
N ALA C 278 -31.55 20.73 4.59
CA ALA C 278 -32.83 20.23 4.10
C ALA C 278 -33.78 19.89 5.25
N ARG C 279 -33.26 19.31 6.32
CA ARG C 279 -34.10 18.96 7.46
C ARG C 279 -34.62 20.22 8.17
N GLU C 280 -33.78 21.24 8.23
CA GLU C 280 -34.20 22.50 8.83
C GLU C 280 -35.33 23.07 7.99
N LEU C 281 -35.10 23.16 6.68
CA LEU C 281 -36.13 23.60 5.75
C LEU C 281 -37.42 22.78 5.86
N ALA C 282 -37.26 21.47 6.06
CA ALA C 282 -38.42 20.57 6.11
C ALA C 282 -39.32 20.80 7.32
N HIS C 283 -38.79 21.46 8.35
CA HIS C 283 -39.54 21.70 9.58
C HIS C 283 -40.16 23.08 9.67
N ARG C 284 -39.68 24.01 8.87
CA ARG C 284 -40.30 25.33 8.80
C ARG C 284 -41.77 25.12 8.38
N PRO C 285 -42.71 25.69 9.15
CA PRO C 285 -44.14 25.46 8.88
C PRO C 285 -44.64 25.97 7.52
N GLU C 286 -44.03 27.03 7.00
CA GLU C 286 -44.41 27.55 5.69
C GLU C 286 -44.00 26.63 4.54
N ASN C 287 -43.21 25.60 4.85
CA ASN C 287 -42.83 24.59 3.86
C ASN C 287 -43.61 23.29 4.01
N ALA C 288 -44.66 23.28 4.83
CA ALA C 288 -45.44 22.07 5.04
C ALA C 288 -45.89 21.48 3.70
N GLY C 289 -45.70 20.17 3.55
CA GLY C 289 -46.14 19.44 2.37
C GLY C 289 -45.29 19.66 1.11
N LYS C 290 -44.25 20.46 1.21
CA LYS C 290 -43.40 20.73 0.07
C LYS C 290 -42.48 19.55 -0.21
N LEU C 291 -41.97 19.51 -1.42
CA LEU C 291 -41.06 18.46 -1.84
C LEU C 291 -39.67 19.04 -1.96
N ILE C 292 -38.74 18.49 -1.18
CA ILE C 292 -37.40 19.05 -1.08
C ILE C 292 -36.37 18.06 -1.59
N VAL C 293 -35.57 18.50 -2.57
CA VAL C 293 -34.54 17.66 -3.18
C VAL C 293 -33.14 18.11 -2.76
N VAL C 294 -32.31 17.13 -2.43
CA VAL C 294 -30.92 17.35 -2.07
C VAL C 294 -30.11 16.37 -2.89
N VAL C 295 -28.84 16.62 -3.13
CA VAL C 295 -28.06 15.76 -4.02
C VAL C 295 -26.85 15.16 -3.35
N LEU C 296 -26.66 13.85 -3.49
CA LEU C 296 -25.52 13.18 -2.85
C LEU C 296 -24.71 12.31 -3.83
N PRO C 297 -23.35 12.30 -3.70
CA PRO C 297 -22.71 13.15 -2.72
C PRO C 297 -22.82 14.62 -3.11
N ASP C 298 -23.02 15.46 -2.10
CA ASP C 298 -23.22 16.88 -2.30
C ASP C 298 -22.09 17.49 -3.12
N PHE C 299 -22.43 18.46 -3.96
CA PHE C 299 -21.47 19.15 -4.80
C PHE C 299 -20.38 19.85 -3.97
N GLY C 300 -20.71 20.15 -2.72
CA GLY C 300 -19.79 20.77 -1.76
C GLY C 300 -18.62 19.92 -1.31
N GLU C 301 -18.80 18.60 -1.28
CA GLU C 301 -17.73 17.68 -0.88
C GLU C 301 -16.57 17.71 -1.87
N GLY D 3 46.27 7.77 17.35
CA GLY D 3 47.33 7.67 16.29
C GLY D 3 46.99 6.84 15.06
N SER D 4 45.94 6.01 15.13
CA SER D 4 45.49 5.22 13.97
C SER D 4 44.12 5.69 13.46
N MET D 5 43.97 5.74 12.14
CA MET D 5 42.65 5.94 11.51
C MET D 5 41.96 4.59 11.32
N THR D 6 40.63 4.58 11.40
CA THR D 6 39.85 3.37 11.18
C THR D 6 38.98 3.59 9.94
N ILE D 7 39.55 3.28 8.76
CA ILE D 7 38.85 3.43 7.47
C ILE D 7 38.97 2.21 6.54
N ALA D 8 37.81 1.65 6.18
CA ALA D 8 37.72 0.57 5.19
C ALA D 8 38.01 1.10 3.79
N GLU D 9 38.62 0.26 2.96
CA GLU D 9 38.90 0.64 1.57
C GLU D 9 37.61 0.66 0.78
N ASN D 10 36.75 -0.30 1.05
CA ASN D 10 35.49 -0.41 0.35
C ASN D 10 34.53 -1.20 1.22
N ILE D 11 33.27 -1.20 0.81
CA ILE D 11 32.21 -1.80 1.60
C ILE D 11 32.36 -3.32 1.73
N ALA D 12 33.11 -3.93 0.82
CA ALA D 12 33.34 -5.37 0.91
C ALA D 12 34.20 -5.70 2.12
N GLN D 13 34.87 -4.68 2.66
CA GLN D 13 35.67 -4.86 3.85
C GLN D 13 34.86 -4.73 5.13
N LEU D 14 33.60 -4.33 5.00
CA LEU D 14 32.76 -4.12 6.17
C LEU D 14 31.74 -5.23 6.33
N ILE D 15 32.01 -6.36 5.69
CA ILE D 15 31.16 -7.52 5.86
C ILE D 15 31.61 -8.26 7.11
N GLY D 16 30.66 -8.61 7.98
CA GLY D 16 30.95 -9.35 9.21
C GLY D 16 31.13 -8.45 10.41
N GLY D 17 31.64 -9.02 11.50
CA GLY D 17 31.78 -8.29 12.77
C GLY D 17 30.43 -7.81 13.27
N THR D 18 29.41 -8.64 13.09
CA THR D 18 28.04 -8.31 13.44
C THR D 18 27.80 -8.46 14.96
N PRO D 19 26.86 -7.69 15.52
CA PRO D 19 26.60 -7.66 16.95
C PRO D 19 25.56 -8.66 17.47
N LEU D 20 25.70 -9.02 18.75
CA LEU D 20 24.71 -9.80 19.48
C LEU D 20 23.75 -8.88 20.22
N VAL D 21 22.49 -9.29 20.32
CA VAL D 21 21.50 -8.59 21.11
C VAL D 21 20.74 -9.61 21.94
N ARG D 22 20.32 -9.23 23.15
CA ARG D 22 19.49 -10.12 23.98
C ARG D 22 18.06 -10.08 23.48
N LEU D 23 17.37 -11.22 23.53
CA LEU D 23 15.94 -11.24 23.33
C LEU D 23 15.29 -11.33 24.71
N ARG D 24 14.95 -10.17 25.26
CA ARG D 24 14.48 -10.08 26.63
C ARG D 24 12.99 -10.38 26.75
N ARG D 25 12.19 -9.80 25.86
CA ARG D 25 10.75 -9.77 26.03
C ARG D 25 10.04 -10.99 25.41
N VAL D 26 10.37 -11.33 24.17
CA VAL D 26 9.67 -12.43 23.49
C VAL D 26 9.90 -13.82 24.09
N THR D 27 10.81 -13.94 25.04
CA THR D 27 11.10 -15.24 25.65
C THR D 27 10.30 -15.56 26.91
N ASP D 28 9.43 -14.67 27.36
CA ASP D 28 8.40 -14.97 28.38
C ASP D 28 8.85 -15.99 29.43
N GLY D 29 9.86 -15.65 30.21
CA GLY D 29 10.42 -16.64 31.13
C GLY D 29 11.73 -16.05 31.56
N ALA D 30 12.85 -16.72 31.32
CA ALA D 30 12.95 -18.11 30.91
C ALA D 30 14.28 -18.51 31.51
N ALA D 31 14.36 -19.72 32.04
CA ALA D 31 15.53 -20.13 32.82
C ALA D 31 16.84 -20.00 32.04
N ALA D 32 16.76 -19.99 30.70
CA ALA D 32 17.93 -19.83 29.83
C ALA D 32 17.91 -18.47 29.14
N ASP D 33 19.10 -17.95 28.81
CA ASP D 33 19.23 -16.72 28.03
C ASP D 33 19.26 -17.00 26.54
N VAL D 34 18.59 -16.16 25.77
CA VAL D 34 18.60 -16.24 24.32
C VAL D 34 19.17 -14.96 23.75
N VAL D 35 20.12 -15.08 22.85
CA VAL D 35 20.66 -13.92 22.16
C VAL D 35 20.62 -14.17 20.66
N ALA D 36 20.57 -13.08 19.89
CA ALA D 36 20.57 -13.19 18.44
C ALA D 36 21.76 -12.44 17.86
N LYS D 37 22.40 -13.06 16.88
CA LYS D 37 23.47 -12.44 16.13
C LYS D 37 22.84 -11.81 14.88
N LEU D 38 22.99 -10.49 14.77
CA LEU D 38 22.31 -9.72 13.74
C LEU D 38 23.14 -9.61 12.45
N GLU D 39 23.04 -10.63 11.62
CA GLU D 39 23.61 -10.60 10.27
C GLU D 39 23.01 -9.50 9.37
N SER D 40 21.90 -8.89 9.84
CA SER D 40 21.27 -7.78 9.16
C SER D 40 22.13 -6.51 9.13
N PHE D 41 23.12 -6.41 10.02
CA PHE D 41 24.06 -5.29 10.02
C PHE D 41 25.08 -5.39 8.90
N ASN D 42 25.14 -6.53 8.24
CA ASN D 42 25.94 -6.63 7.03
C ASN D 42 25.41 -5.65 5.99
N PRO D 43 26.31 -5.15 5.12
CA PRO D 43 25.93 -4.17 4.12
C PRO D 43 24.70 -4.55 3.29
N ALA D 44 24.58 -5.81 2.91
CA ALA D 44 23.44 -6.28 2.13
C ALA D 44 22.38 -7.04 2.95
N GLY D 45 22.56 -7.08 4.27
CA GLY D 45 21.47 -7.44 5.19
C GLY D 45 21.37 -8.90 5.64
N SER D 46 22.34 -9.73 5.24
CA SER D 46 22.29 -11.14 5.61
C SER D 46 23.67 -11.78 5.62
N ILE D 47 23.71 -12.99 6.14
CA ILE D 47 24.91 -13.81 6.17
C ILE D 47 25.44 -14.11 4.76
N LYS D 48 24.57 -14.01 3.74
CA LYS D 48 24.98 -14.25 2.35
C LYS D 48 26.11 -13.32 1.90
N ASP D 49 26.16 -12.12 2.48
CA ASP D 49 27.30 -11.21 2.26
C ASP D 49 28.63 -11.93 2.48
N ARG D 50 28.72 -12.70 3.55
CA ARG D 50 29.96 -13.39 3.88
C ARG D 50 30.30 -14.43 2.84
N ILE D 51 29.29 -15.16 2.40
CA ILE D 51 29.48 -16.18 1.36
C ILE D 51 30.00 -15.56 0.06
N GLY D 52 29.38 -14.45 -0.34
CA GLY D 52 29.78 -13.76 -1.57
C GLY D 52 31.23 -13.30 -1.59
N VAL D 53 31.64 -12.59 -0.54
CA VAL D 53 32.97 -12.02 -0.50
C VAL D 53 34.00 -13.12 -0.35
N ALA D 54 33.68 -14.13 0.45
CA ALA D 54 34.56 -15.27 0.64
C ALA D 54 34.85 -15.97 -0.69
N MET D 55 33.83 -16.08 -1.54
CA MET D 55 34.01 -16.71 -2.86
C MET D 55 34.97 -15.90 -3.72
N ILE D 56 34.82 -14.57 -3.73
CA ILE D 56 35.67 -13.72 -4.54
C ILE D 56 37.11 -13.68 -4.01
N ASP D 57 37.28 -13.65 -2.69
CA ASP D 57 38.62 -13.72 -2.10
C ASP D 57 39.35 -15.00 -2.50
N ALA D 58 38.65 -16.12 -2.41
CA ALA D 58 39.25 -17.42 -2.74
C ALA D 58 39.72 -17.44 -4.19
N ALA D 59 38.83 -17.00 -5.07
CA ALA D 59 39.10 -16.97 -6.51
C ALA D 59 40.28 -16.04 -6.84
N GLU D 60 40.39 -14.93 -6.12
CA GLU D 60 41.57 -14.06 -6.26
C GLU D 60 42.84 -14.77 -5.79
N LYS D 61 42.83 -15.26 -4.56
CA LYS D 61 43.98 -15.99 -4.00
C LYS D 61 44.46 -17.10 -4.96
N ALA D 62 43.50 -17.76 -5.60
CA ALA D 62 43.79 -18.86 -6.53
C ALA D 62 44.14 -18.41 -7.95
N GLY D 63 44.13 -17.10 -8.20
CA GLY D 63 44.39 -16.57 -9.54
C GLY D 63 43.28 -16.81 -10.56
N LEU D 64 42.17 -17.40 -10.13
CA LEU D 64 41.08 -17.76 -11.03
C LEU D 64 40.23 -16.54 -11.43
N ILE D 65 40.33 -15.44 -10.67
CA ILE D 65 39.61 -14.21 -10.98
C ILE D 65 40.59 -13.13 -11.40
N LYS D 66 40.67 -12.92 -12.72
CA LYS D 66 41.54 -11.88 -13.28
C LYS D 66 40.73 -10.60 -13.37
N PRO D 67 41.42 -9.47 -13.63
CA PRO D 67 40.66 -8.29 -14.01
C PRO D 67 39.98 -8.42 -15.39
N ASP D 68 40.41 -9.37 -16.21
CA ASP D 68 39.77 -9.62 -17.53
C ASP D 68 38.60 -10.62 -17.44
N THR D 69 37.83 -10.51 -16.35
CA THR D 69 36.75 -11.45 -16.01
C THR D 69 35.35 -10.84 -16.12
N ILE D 70 34.36 -11.72 -16.26
CA ILE D 70 32.99 -11.44 -15.85
C ILE D 70 32.52 -12.53 -14.86
N ILE D 71 32.27 -12.15 -13.61
CA ILE D 71 31.74 -13.10 -12.62
C ILE D 71 30.35 -13.48 -13.06
N LEU D 72 30.11 -14.77 -13.24
CA LEU D 72 28.81 -15.29 -13.69
C LEU D 72 28.30 -16.21 -12.61
N GLU D 73 27.03 -16.05 -12.22
CA GLU D 73 26.48 -16.83 -11.13
C GLU D 73 24.97 -16.97 -11.26
N PRO D 74 24.47 -18.22 -11.21
CA PRO D 74 23.02 -18.38 -11.13
C PRO D 74 22.55 -17.99 -9.75
N THR D 75 21.41 -17.34 -9.67
CA THR D 75 20.88 -16.90 -8.39
C THR D 75 19.36 -16.81 -8.42
N THR D 79 22.23 -13.40 -2.01
CA THR D 79 23.47 -14.00 -2.50
C THR D 79 23.87 -13.30 -3.79
N GLY D 80 22.93 -13.24 -4.72
CA GLY D 80 23.04 -12.41 -5.92
C GLY D 80 23.28 -10.94 -5.61
N ILE D 81 22.55 -10.40 -4.63
CA ILE D 81 22.79 -9.02 -4.20
C ILE D 81 24.22 -8.86 -3.68
N ALA D 82 24.61 -9.76 -2.78
CA ALA D 82 25.95 -9.74 -2.21
C ALA D 82 27.02 -9.70 -3.28
N LEU D 83 26.92 -10.63 -4.24
CA LEU D 83 27.87 -10.70 -5.35
C LEU D 83 27.92 -9.43 -6.19
N ALA D 84 26.75 -8.91 -6.54
CA ALA D 84 26.68 -7.70 -7.36
C ALA D 84 27.34 -6.54 -6.60
N MET D 85 27.02 -6.42 -5.33
CA MET D 85 27.60 -5.36 -4.51
C MET D 85 29.12 -5.49 -4.41
N VAL D 86 29.61 -6.68 -4.09
CA VAL D 86 31.05 -6.87 -3.93
C VAL D 86 31.77 -6.72 -5.27
N SER D 87 31.16 -7.25 -6.33
CA SER D 87 31.74 -7.17 -7.66
C SER D 87 31.95 -5.73 -8.05
N ALA D 88 30.91 -4.93 -7.86
CA ALA D 88 30.94 -3.51 -8.17
C ALA D 88 31.95 -2.77 -7.29
N ALA D 89 32.05 -3.18 -6.02
CA ALA D 89 33.00 -2.59 -5.09
C ALA D 89 34.43 -2.82 -5.59
N ARG D 90 34.70 -4.06 -5.98
CA ARG D 90 36.05 -4.49 -6.33
C ARG D 90 36.42 -4.23 -7.78
N GLY D 91 35.47 -3.83 -8.60
CA GLY D 91 35.74 -3.47 -9.98
C GLY D 91 35.45 -4.55 -11.00
N TYR D 92 34.80 -5.63 -10.57
CA TYR D 92 34.51 -6.74 -11.48
C TYR D 92 33.16 -6.58 -12.17
N LYS D 93 33.14 -6.84 -13.47
CA LYS D 93 31.90 -6.96 -14.21
C LYS D 93 31.18 -8.21 -13.70
N CYS D 94 29.85 -8.11 -13.61
CA CYS D 94 29.06 -9.17 -13.00
C CYS D 94 27.85 -9.51 -13.83
N VAL D 95 27.73 -10.77 -14.23
CA VAL D 95 26.54 -11.25 -14.92
C VAL D 95 25.86 -12.32 -14.09
N LEU D 96 24.53 -12.24 -14.03
CA LEU D 96 23.73 -13.09 -13.17
C LEU D 96 22.61 -13.75 -13.97
N THR D 97 22.43 -15.06 -13.76
CA THR D 97 21.31 -15.77 -14.37
C THR D 97 20.30 -16.12 -13.30
N MET D 98 19.03 -15.99 -13.65
CA MET D 98 17.93 -16.18 -12.71
C MET D 98 16.64 -16.48 -13.48
N PRO D 99 15.73 -17.24 -12.86
CA PRO D 99 14.43 -17.47 -13.49
C PRO D 99 13.61 -16.18 -13.61
N ASP D 100 12.73 -16.12 -14.60
CA ASP D 100 11.87 -14.94 -14.79
C ASP D 100 10.78 -14.80 -13.72
N THR D 101 10.74 -15.74 -12.77
CA THR D 101 9.87 -15.65 -11.60
C THR D 101 10.37 -14.66 -10.53
N MET D 102 11.55 -14.08 -10.73
CA MET D 102 12.14 -13.16 -9.75
C MET D 102 11.48 -11.79 -9.83
N SER D 103 11.28 -11.17 -8.66
CA SER D 103 10.55 -9.92 -8.54
C SER D 103 11.21 -8.81 -9.34
N ILE D 104 10.39 -7.90 -9.88
CA ILE D 104 10.92 -6.75 -10.62
C ILE D 104 11.77 -5.88 -9.71
N GLU D 105 11.41 -5.84 -8.42
CA GLU D 105 12.18 -5.09 -7.43
C GLU D 105 13.60 -5.65 -7.28
N ARG D 106 13.70 -6.97 -7.08
CA ARG D 106 15.01 -7.62 -6.97
C ARG D 106 15.86 -7.36 -8.21
N ARG D 107 15.24 -7.44 -9.39
CA ARG D 107 15.94 -7.22 -10.65
C ARG D 107 16.50 -5.80 -10.73
N MET D 108 15.69 -4.82 -10.32
CA MET D 108 16.08 -3.41 -10.39
C MET D 108 17.26 -3.12 -9.47
N LEU D 109 17.23 -3.73 -8.30
CA LEU D 109 18.29 -3.56 -7.31
C LEU D 109 19.61 -4.12 -7.82
N LEU D 110 19.56 -5.32 -8.38
CA LEU D 110 20.75 -5.94 -8.98
C LEU D 110 21.30 -5.06 -10.09
N ARG D 111 20.41 -4.51 -10.91
CA ARG D 111 20.84 -3.67 -12.02
C ARG D 111 21.45 -2.38 -11.52
N ALA D 112 20.96 -1.88 -10.38
CA ALA D 112 21.55 -0.71 -9.73
C ALA D 112 23.02 -0.93 -9.39
N TYR D 113 23.37 -2.16 -9.01
CA TYR D 113 24.75 -2.51 -8.68
C TYR D 113 25.60 -2.77 -9.91
N GLY D 114 25.01 -2.62 -11.09
CA GLY D 114 25.71 -2.81 -12.35
C GLY D 114 25.71 -4.25 -12.81
N ALA D 115 24.90 -5.10 -12.18
CA ALA D 115 24.80 -6.49 -12.60
C ALA D 115 23.95 -6.57 -13.86
N GLU D 116 24.41 -7.39 -14.79
CA GLU D 116 23.68 -7.67 -16.00
C GLU D 116 22.90 -8.96 -15.76
N LEU D 117 21.61 -8.95 -16.09
CA LEU D 117 20.73 -10.07 -15.77
C LEU D 117 20.38 -10.87 -17.00
N VAL D 118 20.50 -12.19 -16.92
CA VAL D 118 20.03 -13.06 -17.99
C VAL D 118 18.91 -13.91 -17.41
N LEU D 119 17.70 -13.70 -17.92
CA LEU D 119 16.50 -14.33 -17.38
C LEU D 119 16.28 -15.72 -17.99
N THR D 120 16.14 -16.74 -17.14
CA THR D 120 15.78 -18.09 -17.58
C THR D 120 14.28 -18.30 -17.37
N PRO D 121 13.68 -19.33 -17.98
CA PRO D 121 12.23 -19.53 -17.85
C PRO D 121 11.80 -19.93 -16.44
N GLY D 122 10.65 -19.42 -16.02
CA GLY D 122 10.12 -19.68 -14.68
C GLY D 122 9.88 -21.15 -14.41
N ALA D 123 9.32 -21.85 -15.38
CA ALA D 123 9.02 -23.28 -15.26
C ALA D 123 10.25 -24.13 -14.90
N GLU D 124 11.41 -23.76 -15.47
CA GLU D 124 12.66 -24.47 -15.22
C GLU D 124 13.26 -24.21 -13.83
N GLY D 125 12.80 -23.15 -13.17
CA GLY D 125 13.27 -22.81 -11.83
C GLY D 125 14.76 -22.52 -11.79
N MET D 126 15.40 -22.88 -10.68
CA MET D 126 16.83 -22.66 -10.49
C MET D 126 17.69 -23.58 -11.36
N ALA D 127 17.22 -24.81 -11.59
CA ALA D 127 17.91 -25.74 -12.49
C ALA D 127 18.13 -25.09 -13.86
N GLY D 128 17.11 -24.39 -14.34
CA GLY D 128 17.20 -23.63 -15.58
C GLY D 128 18.27 -22.57 -15.51
N ALA D 129 18.31 -21.84 -14.40
CA ALA D 129 19.33 -20.81 -14.17
C ALA D 129 20.73 -21.41 -14.06
N ILE D 130 20.86 -22.51 -13.31
CA ILE D 130 22.12 -23.22 -13.19
C ILE D 130 22.56 -23.73 -14.55
N ALA D 131 21.61 -24.20 -15.35
CA ALA D 131 21.87 -24.73 -16.67
C ALA D 131 22.33 -23.66 -17.66
N LYS D 132 21.60 -22.55 -17.71
CA LYS D 132 21.94 -21.44 -18.58
C LYS D 132 23.34 -20.91 -18.26
N ALA D 133 23.65 -20.80 -16.97
CA ALA D 133 24.95 -20.34 -16.51
C ALA D 133 26.07 -21.28 -16.96
N GLU D 134 25.86 -22.59 -16.76
CA GLU D 134 26.85 -23.59 -17.16
C GLU D 134 27.10 -23.53 -18.66
N GLU D 135 26.01 -23.38 -19.42
CA GLU D 135 26.09 -23.24 -20.87
C GLU D 135 26.87 -22.00 -21.29
N LEU D 136 26.57 -20.88 -20.65
CA LEU D 136 27.23 -19.63 -20.98
C LEU D 136 28.72 -19.72 -20.73
N ALA D 137 29.10 -20.36 -19.63
CA ALA D 137 30.50 -20.48 -19.28
C ALA D 137 31.27 -21.17 -20.40
N LYS D 138 30.68 -22.22 -20.93
CA LYS D 138 31.23 -22.89 -22.10
C LYS D 138 31.26 -21.98 -23.36
N THR D 139 30.32 -21.04 -23.43
CA THR D 139 30.23 -20.12 -24.58
C THR D 139 31.41 -19.17 -24.73
N ASP D 140 31.99 -18.75 -23.61
CA ASP D 140 32.96 -17.65 -23.62
C ASP D 140 33.85 -17.73 -22.39
N ASP D 141 35.16 -17.70 -22.61
CA ASP D 141 36.16 -18.00 -21.57
C ASP D 141 36.48 -16.82 -20.65
N ARG D 142 35.86 -15.67 -20.89
CA ARG D 142 35.90 -14.56 -19.95
C ARG D 142 35.07 -14.85 -18.69
N TYR D 143 34.10 -15.76 -18.79
CA TYR D 143 33.23 -16.11 -17.66
C TYR D 143 33.94 -16.90 -16.57
N PHE D 144 33.72 -16.52 -15.32
CA PHE D 144 34.08 -17.33 -14.16
C PHE D 144 32.84 -17.56 -13.30
N ILE D 145 32.51 -18.82 -13.03
CA ILE D 145 31.42 -19.16 -12.12
C ILE D 145 32.00 -19.56 -10.78
N PRO D 146 31.71 -18.78 -9.73
CA PRO D 146 32.19 -19.13 -8.39
C PRO D 146 31.74 -20.52 -7.93
N ASN D 154 35.84 -29.81 5.23
CA ASN D 154 36.12 -28.56 5.91
C ASN D 154 34.85 -27.85 6.40
N PRO D 155 35.00 -26.98 7.42
CA PRO D 155 34.14 -25.83 7.53
C PRO D 155 34.63 -24.71 6.61
N ALA D 156 33.71 -24.11 5.88
CA ALA D 156 34.02 -23.00 5.00
C ALA D 156 34.48 -21.79 5.81
N VAL D 157 35.33 -20.98 5.19
CA VAL D 157 35.97 -19.85 5.84
C VAL D 157 34.95 -18.89 6.47
N HIS D 158 33.86 -18.60 5.75
CA HIS D 158 32.83 -17.71 6.27
C HIS D 158 32.05 -18.32 7.45
N ALA D 159 31.98 -19.63 7.52
CA ALA D 159 31.41 -20.29 8.69
C ALA D 159 32.40 -20.22 9.85
N VAL D 160 33.69 -20.37 9.56
CA VAL D 160 34.72 -20.24 10.59
C VAL D 160 34.65 -18.85 11.22
N THR D 161 34.80 -17.81 10.41
CA THR D 161 34.69 -16.42 10.87
C THR D 161 33.44 -16.17 11.71
N THR D 162 32.28 -16.61 11.21
CA THR D 162 31.03 -16.43 11.94
C THR D 162 31.12 -17.11 13.31
N ALA D 163 31.66 -18.33 13.34
CA ALA D 163 31.84 -19.03 14.59
C ALA D 163 32.75 -18.24 15.52
N GLU D 164 33.88 -17.74 15.00
CA GLU D 164 34.83 -17.01 15.84
C GLU D 164 34.18 -15.80 16.51
N GLU D 165 33.36 -15.07 15.77
CA GLU D 165 32.63 -13.94 16.34
C GLU D 165 31.67 -14.36 17.45
N VAL D 166 30.91 -15.44 17.22
CA VAL D 166 30.03 -15.97 18.24
C VAL D 166 30.86 -16.40 19.45
N TRP D 167 32.01 -17.00 19.20
CA TRP D 167 32.87 -17.46 20.27
C TRP D 167 33.41 -16.31 21.12
N ARG D 168 33.99 -15.31 20.45
CA ARG D 168 34.48 -14.10 21.12
C ARG D 168 33.41 -13.40 21.93
N ASP D 169 32.29 -13.08 21.27
CA ASP D 169 31.26 -12.23 21.88
C ASP D 169 30.49 -12.91 22.99
N THR D 170 30.46 -14.23 23.00
CA THR D 170 29.88 -14.96 24.12
C THR D 170 30.93 -15.39 25.15
N ASP D 171 32.17 -14.95 24.93
CA ASP D 171 33.28 -15.30 25.80
C ASP D 171 33.38 -16.81 26.03
N GLY D 172 33.21 -17.58 24.96
CA GLY D 172 33.32 -19.05 25.01
C GLY D 172 32.20 -19.77 25.74
N LYS D 173 31.11 -19.06 26.06
CA LYS D 173 30.05 -19.64 26.86
C LYS D 173 28.80 -20.13 26.11
N VAL D 174 28.76 -19.98 24.78
CA VAL D 174 27.58 -20.42 24.00
C VAL D 174 27.28 -21.90 24.26
N ASP D 175 26.01 -22.22 24.52
CA ASP D 175 25.63 -23.61 24.86
C ASP D 175 24.75 -24.27 23.81
N ILE D 176 23.82 -23.51 23.23
CA ILE D 176 22.99 -24.02 22.16
C ILE D 176 22.98 -23.04 21.01
N PHE D 177 23.32 -23.55 19.84
CA PHE D 177 23.23 -22.80 18.62
C PHE D 177 21.97 -23.31 17.92
N VAL D 178 21.13 -22.40 17.47
CA VAL D 178 19.81 -22.75 16.98
C VAL D 178 19.56 -22.06 15.66
N SER D 179 19.40 -22.83 14.59
CA SER D 179 19.30 -22.24 13.25
C SER D 179 18.63 -23.09 12.19
N GLY D 180 18.04 -22.39 11.22
CA GLY D 180 17.56 -23.01 9.99
C GLY D 180 18.75 -23.53 9.20
N VAL D 181 18.55 -24.60 8.46
CA VAL D 181 19.64 -25.26 7.72
C VAL D 181 20.00 -24.45 6.48
N GLY D 182 18.99 -23.94 5.79
CA GLY D 182 19.20 -23.22 4.55
C GLY D 182 19.81 -24.13 3.51
N THR D 183 20.81 -23.64 2.77
CA THR D 183 21.51 -24.44 1.79
C THR D 183 23.01 -24.23 1.88
N GLY D 184 23.78 -25.31 1.84
CA GLY D 184 25.23 -25.23 1.76
C GLY D 184 26.08 -25.29 3.03
N GLY D 185 25.46 -25.51 4.19
CA GLY D 185 26.25 -25.85 5.37
C GLY D 185 27.14 -24.76 5.93
N THR D 186 26.67 -23.52 5.79
CA THR D 186 27.13 -22.43 6.62
C THR D 186 26.78 -22.74 8.06
N ILE D 187 25.54 -23.17 8.28
CA ILE D 187 25.08 -23.47 9.61
C ILE D 187 25.79 -24.71 10.16
N THR D 188 25.99 -25.74 9.33
CA THR D 188 26.74 -26.93 9.78
C THR D 188 28.20 -26.60 10.10
N GLY D 189 28.80 -25.71 9.31
CA GLY D 189 30.17 -25.27 9.56
C GLY D 189 30.30 -24.65 10.93
N VAL D 190 29.38 -23.76 11.26
CA VAL D 190 29.43 -23.07 12.54
C VAL D 190 29.27 -24.07 13.69
N ALA D 191 28.45 -25.09 13.48
CA ALA D 191 28.29 -26.14 14.49
C ALA D 191 29.60 -26.90 14.67
N GLN D 192 30.22 -27.29 13.55
CA GLN D 192 31.47 -28.04 13.62
C GLN D 192 32.48 -27.33 14.51
N VAL D 193 32.61 -26.02 14.32
CA VAL D 193 33.67 -25.25 14.98
C VAL D 193 33.38 -25.07 16.46
N ILE D 194 32.14 -24.71 16.79
CA ILE D 194 31.77 -24.54 18.18
C ILE D 194 31.89 -25.87 18.93
N LYS D 195 31.30 -26.92 18.38
CA LYS D 195 31.33 -28.24 19.02
C LYS D 195 32.73 -28.80 19.19
N GLN D 196 33.65 -28.41 18.31
CA GLN D 196 35.04 -28.87 18.40
C GLN D 196 35.77 -28.30 19.65
N ARG D 197 35.47 -27.05 20.02
CA ARG D 197 36.01 -26.40 21.24
C ARG D 197 35.17 -26.56 22.45
N ARG D 198 33.92 -26.97 22.26
CA ARG D 198 32.99 -27.00 23.36
C ARG D 198 32.06 -28.18 23.15
N PRO D 199 32.57 -29.39 23.40
CA PRO D 199 31.82 -30.60 23.15
C PRO D 199 30.47 -30.66 23.88
N SER D 200 30.32 -29.88 24.94
CA SER D 200 29.03 -29.80 25.64
C SER D 200 28.00 -28.96 24.88
N ALA D 201 28.45 -28.13 23.93
CA ALA D 201 27.55 -27.31 23.10
C ALA D 201 26.64 -28.16 22.24
N GLN D 202 25.40 -27.69 22.06
CA GLN D 202 24.42 -28.40 21.26
C GLN D 202 24.05 -27.59 20.04
N PHE D 203 23.70 -28.30 18.97
CA PHE D 203 23.20 -27.64 17.77
C PHE D 203 21.82 -28.22 17.42
N VAL D 204 20.87 -27.32 17.23
CA VAL D 204 19.50 -27.68 16.91
C VAL D 204 19.12 -27.06 15.57
N ALA D 205 18.75 -27.89 14.60
CA ALA D 205 18.21 -27.38 13.35
C ALA D 205 16.75 -27.04 13.53
N VAL D 206 16.28 -26.09 12.75
CA VAL D 206 14.89 -25.68 12.79
C VAL D 206 14.26 -25.81 11.41
N GLU D 207 13.07 -26.39 11.36
CA GLU D 207 12.39 -26.61 10.09
C GLU D 207 10.94 -26.18 10.14
N PRO D 208 10.42 -25.74 8.98
CA PRO D 208 9.00 -25.51 8.84
C PRO D 208 8.24 -26.83 8.74
N ALA D 209 7.03 -26.87 9.30
CA ALA D 209 6.14 -28.04 9.23
C ALA D 209 5.85 -28.51 7.79
N GLY D 230 25.40 -27.81 -4.95
CA GLY D 230 25.65 -27.28 -3.61
C GLY D 230 24.80 -26.06 -3.22
N PHE D 231 23.62 -25.96 -3.83
CA PHE D 231 22.59 -24.99 -3.44
C PHE D 231 21.36 -25.76 -2.96
N VAL D 232 21.62 -26.95 -2.40
CA VAL D 232 20.60 -27.80 -1.80
C VAL D 232 20.81 -27.83 -0.29
N PRO D 233 19.82 -28.36 0.47
CA PRO D 233 19.94 -28.51 1.92
C PRO D 233 21.09 -29.43 2.33
N PRO D 234 21.86 -29.04 3.36
CA PRO D 234 22.89 -29.98 3.80
C PRO D 234 22.29 -31.26 4.38
N VAL D 235 23.05 -32.35 4.28
CA VAL D 235 22.79 -33.55 5.07
C VAL D 235 23.04 -33.21 6.53
N LEU D 236 22.08 -33.52 7.38
CA LEU D 236 22.21 -33.29 8.81
C LEU D 236 22.75 -34.54 9.47
N ASP D 237 24.07 -34.60 9.56
CA ASP D 237 24.73 -35.68 10.26
C ASP D 237 24.31 -35.54 11.71
N LEU D 238 23.85 -36.61 12.33
CA LEU D 238 23.41 -36.50 13.72
C LEU D 238 24.57 -36.54 14.72
N ALA D 239 25.77 -36.80 14.22
CA ALA D 239 26.99 -36.58 14.99
C ALA D 239 27.12 -35.11 15.33
N LEU D 240 26.77 -34.29 14.35
CA LEU D 240 26.74 -32.85 14.50
C LEU D 240 25.47 -32.31 15.13
N VAL D 241 24.33 -32.77 14.64
CA VAL D 241 23.08 -32.12 14.92
C VAL D 241 22.37 -32.87 16.02
N ASP D 242 22.01 -32.17 17.09
CA ASP D 242 21.53 -32.86 18.28
C ASP D 242 20.02 -33.04 18.28
N GLU D 243 19.33 -32.21 17.52
CA GLU D 243 17.88 -32.27 17.47
C GLU D 243 17.40 -31.48 16.26
N VAL D 244 16.16 -31.77 15.86
CA VAL D 244 15.45 -30.94 14.91
C VAL D 244 14.15 -30.55 15.54
N ILE D 245 13.86 -29.25 15.53
CA ILE D 245 12.57 -28.75 15.97
C ILE D 245 11.84 -28.23 14.75
N THR D 246 10.65 -28.78 14.55
CA THR D 246 9.81 -28.46 13.42
C THR D 246 8.93 -27.32 13.88
N VAL D 247 9.15 -26.15 13.30
CA VAL D 247 8.56 -24.90 13.79
C VAL D 247 7.22 -24.95 13.26
N GLY D 248 6.27 -25.34 14.11
CA GLY D 248 4.91 -25.31 13.64
C GLY D 248 4.70 -23.97 12.98
N ASN D 249 4.83 -24.01 11.71
CA ASN D 249 4.83 -22.85 10.88
C ASN D 249 3.64 -22.01 11.22
N ASP D 250 4.00 -20.85 11.73
CA ASP D 250 3.14 -19.71 11.86
C ASP D 250 2.35 -19.47 13.19
N ASP D 251 2.50 -20.12 14.40
CA ASP D 251 3.55 -20.02 15.42
C ASP D 251 4.77 -19.19 15.20
N ALA D 252 5.37 -19.44 14.06
CA ALA D 252 6.45 -18.62 13.55
C ALA D 252 6.01 -17.19 13.20
N LEU D 253 4.84 -17.04 12.60
CA LEU D 253 4.36 -15.71 12.20
C LEU D 253 4.07 -14.91 13.47
N GLU D 254 3.46 -15.58 14.44
CA GLU D 254 3.15 -14.94 15.70
C GLU D 254 4.43 -14.40 16.35
N LEU D 255 5.47 -15.21 16.37
CA LEU D 255 6.70 -14.85 17.07
C LEU D 255 7.43 -13.75 16.32
N ALA D 256 7.37 -13.79 14.99
CA ALA D 256 7.89 -12.70 14.17
C ALA D 256 7.18 -11.38 14.45
N ARG D 257 5.85 -11.41 14.62
CA ARG D 257 5.13 -10.18 14.92
C ARG D 257 5.57 -9.65 16.29
N ARG D 258 5.72 -10.53 17.28
CA ARG D 258 6.14 -10.10 18.61
C ARG D 258 7.54 -9.50 18.61
N MET D 259 8.46 -10.13 17.90
CA MET D 259 9.82 -9.59 17.73
C MET D 259 9.82 -8.15 17.23
N ALA D 260 9.05 -7.90 16.19
CA ALA D 260 9.00 -6.58 15.58
C ALA D 260 8.41 -5.61 16.57
N THR D 261 7.36 -6.02 17.26
CA THR D 261 6.57 -5.10 18.08
C THR D 261 7.09 -5.02 19.50
N GLU D 262 7.69 -6.10 20.00
CA GLU D 262 8.24 -6.11 21.36
C GLU D 262 9.76 -5.94 21.49
N GLU D 263 10.51 -6.18 20.41
CA GLU D 263 11.98 -6.02 20.44
C GLU D 263 12.51 -5.07 19.35
N GLY D 264 11.63 -4.55 18.49
CA GLY D 264 12.06 -3.64 17.42
C GLY D 264 12.96 -4.31 16.40
N LEU D 265 12.76 -5.62 16.24
CA LEU D 265 13.54 -6.46 15.33
C LEU D 265 12.64 -7.01 14.26
N LEU D 266 12.78 -6.51 13.05
CA LEU D 266 11.88 -6.84 11.98
C LEU D 266 12.50 -7.86 11.02
N PHE D 267 11.95 -9.07 11.02
CA PHE D 267 12.48 -10.18 10.24
C PHE D 267 11.34 -11.06 9.76
N GLY D 268 11.67 -12.14 9.06
CA GLY D 268 10.66 -12.95 8.40
C GLY D 268 10.24 -14.19 9.15
N ILE D 269 9.48 -15.02 8.44
CA ILE D 269 8.90 -16.23 9.00
C ILE D 269 9.95 -17.23 9.54
N SER D 270 11.05 -17.44 8.81
CA SER D 270 12.08 -18.39 9.26
C SER D 270 12.77 -17.92 10.54
N SER D 271 13.02 -16.61 10.65
CA SER D 271 13.58 -16.02 11.88
C SER D 271 12.63 -16.20 13.07
N GLY D 272 11.33 -16.07 12.80
CA GLY D 272 10.31 -16.28 13.80
C GLY D 272 10.33 -17.71 14.30
N ALA D 273 10.44 -18.66 13.37
CA ALA D 273 10.52 -20.07 13.72
C ALA D 273 11.74 -20.36 14.59
N ALA D 274 12.89 -19.82 14.18
CA ALA D 274 14.12 -20.02 14.92
C ALA D 274 13.95 -19.55 16.37
N VAL D 275 13.44 -18.34 16.53
CA VAL D 275 13.23 -17.78 17.86
C VAL D 275 12.20 -18.60 18.66
N TRP D 276 11.17 -19.12 17.99
CA TRP D 276 10.21 -20.02 18.66
C TRP D 276 10.88 -21.28 19.17
N ALA D 277 11.74 -21.87 18.35
CA ALA D 277 12.54 -23.02 18.74
C ALA D 277 13.41 -22.69 19.94
N ALA D 278 14.13 -21.57 19.85
CA ALA D 278 15.00 -21.09 20.93
C ALA D 278 14.25 -20.90 22.24
N ARG D 279 13.04 -20.32 22.14
CA ARG D 279 12.22 -20.11 23.33
C ARG D 279 11.78 -21.43 23.96
N GLU D 280 11.48 -22.41 23.11
CA GLU D 280 11.08 -23.72 23.59
C GLU D 280 12.25 -24.35 24.33
N LEU D 281 13.42 -24.36 23.69
CA LEU D 281 14.65 -24.81 24.33
C LEU D 281 14.90 -24.07 25.65
N ALA D 282 14.63 -22.77 25.64
CA ALA D 282 14.93 -21.93 26.78
C ALA D 282 14.10 -22.27 28.02
N HIS D 283 12.97 -22.96 27.82
CA HIS D 283 12.07 -23.34 28.92
C HIS D 283 12.22 -24.77 29.41
N ARG D 284 12.90 -25.61 28.64
CA ARG D 284 13.22 -26.93 29.12
C ARG D 284 14.11 -26.81 30.39
N PRO D 285 13.73 -27.49 31.48
CA PRO D 285 14.44 -27.33 32.75
C PRO D 285 15.91 -27.75 32.74
N GLU D 286 16.24 -28.74 31.91
CA GLU D 286 17.63 -29.19 31.76
C GLU D 286 18.53 -28.16 31.03
N ASN D 287 17.95 -27.11 30.46
CA ASN D 287 18.73 -26.02 29.88
C ASN D 287 18.79 -24.77 30.77
N ALA D 288 18.30 -24.86 32.00
CA ALA D 288 18.31 -23.70 32.88
C ALA D 288 19.70 -23.08 32.94
N GLY D 289 19.75 -21.75 32.81
CA GLY D 289 21.01 -21.01 32.88
C GLY D 289 21.94 -21.13 31.69
N LYS D 290 21.52 -21.83 30.63
CA LYS D 290 22.34 -21.97 29.42
C LYS D 290 22.23 -20.72 28.55
N LEU D 291 23.20 -20.57 27.65
CA LEU D 291 23.25 -19.43 26.73
C LEU D 291 22.94 -19.91 25.31
N ILE D 292 21.86 -19.40 24.73
CA ILE D 292 21.32 -19.90 23.45
C ILE D 292 21.43 -18.85 22.36
N VAL D 293 22.08 -19.20 21.24
CA VAL D 293 22.34 -18.28 20.14
C VAL D 293 21.52 -18.63 18.90
N VAL D 294 20.84 -17.64 18.34
CA VAL D 294 20.19 -17.76 17.04
C VAL D 294 20.85 -16.72 16.16
N VAL D 295 20.64 -16.83 14.84
CA VAL D 295 21.25 -15.90 13.89
C VAL D 295 20.19 -15.31 12.97
N LEU D 296 20.07 -13.98 12.98
CA LEU D 296 19.00 -13.30 12.25
C LEU D 296 19.60 -12.37 11.22
N PRO D 297 19.02 -12.31 10.01
CA PRO D 297 17.93 -13.18 9.57
C PRO D 297 18.38 -14.63 9.48
N ASP D 298 17.51 -15.54 9.89
CA ASP D 298 17.80 -16.97 9.89
C ASP D 298 18.17 -17.46 8.50
N PHE D 299 19.17 -18.33 8.44
CA PHE D 299 19.72 -18.79 7.17
C PHE D 299 18.64 -19.38 6.24
N GLY D 300 17.52 -19.82 6.80
CA GLY D 300 16.39 -20.34 6.00
C GLY D 300 15.35 -19.35 5.47
N GLU D 301 15.61 -18.05 5.55
CA GLU D 301 14.64 -17.01 5.13
C GLU D 301 14.61 -16.83 3.61
N ARG D 302 13.44 -16.45 3.06
CA ARG D 302 13.25 -16.25 1.60
C ARG D 302 12.94 -14.78 1.26
#